data_8BMZ
#
_entry.id   8BMZ
#
_cell.length_a   80.723
_cell.length_b   58.709
_cell.length_c   101.894
_cell.angle_alpha   90.000
_cell.angle_beta   104.132
_cell.angle_gamma   90.000
#
_symmetry.space_group_name_H-M   'P 1 21 1'
#
loop_
_entity.id
_entity.type
_entity.pdbx_description
1 polymer 'Putative surface layer protein'
2 non-polymer 'CHLORIDE ION'
3 non-polymer 'SULFATE ION'
4 non-polymer Adenosylcobalamin
5 water water
#
_entity_poly.entity_id   1
_entity_poly.type   'polypeptide(L)'
_entity_poly.pdbx_seq_one_letter_code
;CMKWDYGEMEDFSVSASGLFITNEGNFQYSNATLSYYDPATCEVENEVFYRANGFKLGDVAQSMVIRDGIGWIVVNNSHV
IFAIDINTFKEVGRITGFTSPRYIHFLSDEKAYVTQIWDYRIFIINPKTYEITGYIECPDMDMESGSTEQMVQYGKYVYV
NCWSYQNRILKIDTETDKVVDELTIGIQPTSLVMDKYNKMWTITDGGYEGSPYGYEAPSLYRIDAETFTVEKQFKFKLGD
WPSEVQLNGTRDTLYWINNDIWRMPVEADRVPVRPFLEFRDTKYYGLTVNPNNGEVYVADAIDYQQQGIVYRYSPQGKLI
DEFYVGIIPGAFCWKLEHHHHHH
;
_entity_poly.pdbx_strand_id   A,B
#
# COMPACT_ATOMS: atom_id res chain seq x y z
N MET A 9 29.08 11.26 5.80
CA MET A 9 28.64 10.63 4.52
C MET A 9 29.87 10.30 3.65
N GLU A 10 29.91 9.06 3.13
CA GLU A 10 31.15 8.39 2.77
C GLU A 10 31.12 7.89 1.31
N ASP A 11 32.29 7.98 0.67
CA ASP A 11 32.54 7.56 -0.71
C ASP A 11 33.08 6.12 -0.73
N PHE A 12 32.23 5.17 -1.18
CA PHE A 12 32.61 3.78 -1.46
C PHE A 12 32.72 3.53 -2.96
N SER A 13 33.72 2.75 -3.37
CA SER A 13 33.81 2.27 -4.74
C SER A 13 34.41 0.86 -4.76
N VAL A 14 33.57 -0.16 -4.58
CA VAL A 14 34.05 -1.46 -4.12
C VAL A 14 34.28 -2.42 -5.30
N SER A 15 34.90 -3.57 -4.94
CA SER A 15 35.15 -4.75 -5.76
C SER A 15 33.94 -5.14 -6.62
N ALA A 16 34.23 -5.61 -7.85
CA ALA A 16 33.21 -6.18 -8.73
C ALA A 16 32.68 -7.52 -8.20
N SER A 17 33.45 -8.21 -7.35
CA SER A 17 32.99 -9.41 -6.65
C SER A 17 32.94 -9.15 -5.15
N GLY A 18 31.89 -9.65 -4.52
CA GLY A 18 31.43 -9.14 -3.24
C GLY A 18 30.30 -10.00 -2.68
N LEU A 19 29.98 -9.71 -1.39
CA LEU A 19 28.94 -10.41 -0.66
C LEU A 19 28.24 -9.39 0.22
N PHE A 20 26.90 -9.29 0.12
CA PHE A 20 26.17 -8.44 1.02
C PHE A 20 25.54 -9.28 2.12
N ILE A 21 25.63 -8.77 3.35
CA ILE A 21 24.97 -9.37 4.50
C ILE A 21 23.97 -8.35 5.08
N THR A 22 22.70 -8.76 5.09
CA THR A 22 21.64 -7.97 5.70
C THR A 22 21.51 -8.37 7.16
N ASN A 23 21.37 -7.30 7.97
CA ASN A 23 21.28 -7.39 9.41
C ASN A 23 19.93 -6.82 9.79
N GLU A 24 19.09 -7.68 10.37
CA GLU A 24 17.71 -7.38 10.71
C GLU A 24 17.69 -6.30 11.79
N GLY A 25 18.75 -6.25 12.61
CA GLY A 25 18.68 -5.55 13.88
C GLY A 25 17.61 -6.18 14.79
N ASN A 26 17.19 -5.36 15.77
CA ASN A 26 16.23 -5.76 16.78
C ASN A 26 14.85 -5.22 16.35
N PHE A 27 13.91 -6.14 16.08
CA PHE A 27 12.53 -5.81 15.78
C PHE A 27 12.00 -4.76 16.77
N GLN A 28 11.62 -3.57 16.21
CA GLN A 28 10.98 -2.43 16.85
C GLN A 28 11.97 -1.46 17.48
N TYR A 29 13.26 -1.52 17.07
CA TYR A 29 14.34 -0.65 17.52
C TYR A 29 15.11 0.01 16.37
N SER A 30 14.74 -0.24 15.09
CA SER A 30 15.28 0.54 13.97
C SER A 30 16.82 0.65 13.96
N ASN A 31 17.52 -0.51 14.03
CA ASN A 31 18.98 -0.61 14.01
C ASN A 31 19.45 -1.62 12.96
N ALA A 32 18.62 -1.89 11.97
CA ALA A 32 19.03 -2.75 10.88
C ALA A 32 20.16 -2.08 10.08
N THR A 33 21.10 -2.88 9.57
CA THR A 33 22.25 -2.35 8.82
C THR A 33 22.63 -3.31 7.69
N LEU A 34 23.49 -2.78 6.80
CA LEU A 34 23.95 -3.55 5.69
C LEU A 34 25.45 -3.73 5.86
N SER A 35 25.91 -4.94 5.54
CA SER A 35 27.33 -5.28 5.58
C SER A 35 27.79 -5.71 4.17
N TYR A 36 29.02 -5.32 3.83
CA TYR A 36 29.63 -5.76 2.60
C TYR A 36 31.00 -6.40 2.86
N TYR A 37 31.12 -7.70 2.48
CA TYR A 37 32.32 -8.53 2.61
C TYR A 37 32.99 -8.74 1.26
N ASP A 38 34.31 -8.57 1.24
CA ASP A 38 35.09 -8.84 0.05
C ASP A 38 35.86 -10.15 0.26
N PRO A 39 35.45 -11.30 -0.37
CA PRO A 39 36.11 -12.60 -0.15
C PRO A 39 37.59 -12.64 -0.57
N ALA A 40 37.97 -11.77 -1.50
CA ALA A 40 39.35 -11.75 -1.97
C ALA A 40 40.25 -11.07 -0.94
N THR A 41 39.77 -10.06 -0.20
CA THR A 41 40.58 -9.40 0.83
C THR A 41 40.21 -9.90 2.22
N CYS A 42 39.11 -10.62 2.33
CA CYS A 42 38.64 -11.09 3.62
C CYS A 42 38.35 -9.89 4.52
N GLU A 43 37.95 -8.77 3.93
CA GLU A 43 37.63 -7.59 4.69
C GLU A 43 36.12 -7.38 4.74
N VAL A 44 35.60 -7.07 5.93
CA VAL A 44 34.22 -6.65 6.08
C VAL A 44 34.13 -5.12 6.23
N GLU A 45 33.05 -4.56 5.67
CA GLU A 45 32.66 -3.18 5.90
C GLU A 45 31.24 -3.19 6.48
N ASN A 46 31.01 -2.48 7.59
CA ASN A 46 29.74 -2.54 8.30
C ASN A 46 29.02 -1.19 8.16
N GLU A 47 27.67 -1.24 8.26
CA GLU A 47 26.76 -0.11 8.23
C GLU A 47 26.95 0.73 6.96
N VAL A 48 26.99 0.07 5.80
CA VAL A 48 27.47 0.69 4.57
C VAL A 48 26.38 1.56 3.93
N PHE A 49 25.10 1.16 4.09
CA PHE A 49 24.00 1.95 3.60
C PHE A 49 24.03 3.33 4.25
N TYR A 50 24.10 3.32 5.59
CA TYR A 50 24.05 4.52 6.40
C TYR A 50 25.26 5.38 6.04
N ARG A 51 26.44 4.76 6.01
CA ARG A 51 27.65 5.52 5.76
C ARG A 51 27.56 6.16 4.36
N ALA A 52 27.04 5.41 3.38
CA ALA A 52 26.99 5.82 1.99
C ALA A 52 26.03 6.99 1.76
N ASN A 53 24.85 6.93 2.47
CA ASN A 53 23.64 7.68 2.15
C ASN A 53 23.26 8.80 3.13
N GLY A 54 23.75 8.75 4.39
CA GLY A 54 23.42 9.73 5.42
C GLY A 54 22.09 9.42 6.12
N PHE A 55 21.46 8.30 5.78
CA PHE A 55 20.31 7.88 6.54
C PHE A 55 20.27 6.37 6.72
N LYS A 56 19.64 6.05 7.85
CA LYS A 56 19.47 4.72 8.41
C LYS A 56 18.58 3.90 7.49
N LEU A 57 18.70 2.59 7.62
CA LEU A 57 17.98 1.66 6.77
C LEU A 57 16.57 1.44 7.34
N GLY A 58 16.47 1.30 8.67
CA GLY A 58 15.18 1.12 9.33
C GLY A 58 15.11 -0.15 10.19
N ASP A 59 14.01 -0.87 10.04
CA ASP A 59 13.66 -1.92 10.98
C ASP A 59 13.43 -3.22 10.21
N VAL A 60 14.27 -4.25 10.52
CA VAL A 60 14.26 -5.62 9.99
C VAL A 60 14.58 -5.65 8.49
N ALA A 61 15.83 -5.36 8.12
CA ALA A 61 16.26 -5.66 6.75
C ALA A 61 16.20 -7.17 6.59
N GLN A 62 15.33 -7.63 5.66
CA GLN A 62 14.95 -9.03 5.55
C GLN A 62 15.76 -9.83 4.52
N SER A 63 16.06 -9.20 3.38
CA SER A 63 16.49 -9.90 2.18
C SER A 63 16.96 -8.86 1.17
N MET A 64 17.46 -9.36 0.05
CA MET A 64 18.17 -8.51 -0.90
C MET A 64 18.47 -9.32 -2.16
N VAL A 65 18.19 -8.70 -3.31
CA VAL A 65 18.33 -9.29 -4.61
C VAL A 65 19.07 -8.28 -5.48
N ILE A 66 19.99 -8.79 -6.33
CA ILE A 66 20.74 -7.95 -7.25
C ILE A 66 20.30 -8.29 -8.66
N ARG A 67 20.03 -7.25 -9.43
CA ARG A 67 19.68 -7.40 -10.82
C ARG A 67 20.24 -6.19 -11.56
N ASP A 68 20.93 -6.47 -12.67
CA ASP A 68 21.32 -5.45 -13.64
C ASP A 68 22.00 -4.24 -12.97
N GLY A 69 22.97 -4.49 -12.07
CA GLY A 69 23.83 -3.48 -11.46
C GLY A 69 23.25 -2.77 -10.23
N ILE A 70 22.04 -3.22 -9.81
CA ILE A 70 21.18 -2.55 -8.83
C ILE A 70 20.87 -3.57 -7.73
N GLY A 71 20.97 -3.13 -6.47
CA GLY A 71 20.65 -3.97 -5.33
C GLY A 71 19.33 -3.58 -4.70
N TRP A 72 18.50 -4.58 -4.45
CA TRP A 72 17.16 -4.30 -3.98
C TRP A 72 17.04 -4.85 -2.57
N ILE A 73 16.99 -3.94 -1.59
CA ILE A 73 16.95 -4.30 -0.17
C ILE A 73 15.52 -4.16 0.39
N VAL A 74 14.99 -5.28 0.87
CA VAL A 74 13.68 -5.29 1.50
C VAL A 74 13.88 -4.94 2.96
N VAL A 75 13.21 -3.85 3.44
CA VAL A 75 13.24 -3.49 4.86
C VAL A 75 11.83 -3.75 5.41
N ASN A 76 11.71 -4.91 6.08
CA ASN A 76 10.43 -5.54 6.37
C ASN A 76 9.56 -4.58 7.16
N ASN A 77 10.12 -4.00 8.22
CA ASN A 77 9.25 -3.32 9.17
C ASN A 77 9.33 -1.81 8.97
N SER A 78 9.88 -1.35 7.84
CA SER A 78 9.84 0.06 7.46
C SER A 78 8.99 0.30 6.20
N HIS A 79 8.31 -0.75 5.69
CA HIS A 79 7.41 -0.62 4.54
C HIS A 79 8.13 -0.12 3.28
N VAL A 80 9.34 -0.60 3.00
CA VAL A 80 10.05 0.02 1.91
C VAL A 80 11.02 -1.01 1.33
N ILE A 81 11.40 -0.77 0.07
CA ILE A 81 12.50 -1.48 -0.57
C ILE A 81 13.50 -0.45 -1.11
N PHE A 82 14.75 -0.47 -0.66
CA PHE A 82 15.73 0.45 -1.26
C PHE A 82 16.38 -0.19 -2.48
N ALA A 83 16.48 0.61 -3.56
CA ALA A 83 17.40 0.32 -4.64
C ALA A 83 18.66 1.15 -4.46
N ILE A 84 19.78 0.45 -4.30
CA ILE A 84 21.12 1.04 -4.25
C ILE A 84 21.97 0.60 -5.45
N ASP A 85 22.90 1.48 -5.84
CA ASP A 85 23.98 1.12 -6.72
C ASP A 85 24.87 0.17 -5.95
N ILE A 86 25.33 -0.95 -6.55
CA ILE A 86 25.98 -2.02 -5.81
C ILE A 86 27.48 -1.74 -5.61
N ASN A 87 28.05 -0.77 -6.34
CA ASN A 87 29.47 -0.42 -6.20
C ASN A 87 29.65 0.73 -5.20
N THR A 88 28.68 1.67 -5.16
CA THR A 88 28.75 2.85 -4.30
C THR A 88 27.86 2.72 -3.05
N PHE A 89 26.80 1.89 -3.12
CA PHE A 89 25.82 1.69 -2.05
C PHE A 89 24.86 2.89 -1.91
N LYS A 90 24.97 3.90 -2.79
CA LYS A 90 24.05 5.03 -2.80
C LYS A 90 22.69 4.61 -3.38
N GLU A 91 21.60 5.17 -2.82
CA GLU A 91 20.24 4.88 -3.26
C GLU A 91 20.00 5.54 -4.61
N VAL A 92 19.38 4.78 -5.54
CA VAL A 92 18.97 5.29 -6.85
CA VAL A 92 18.96 5.29 -6.85
C VAL A 92 17.44 5.50 -6.86
N GLY A 93 16.74 4.93 -5.86
CA GLY A 93 15.29 4.97 -5.72
C GLY A 93 14.79 4.04 -4.60
N ARG A 94 13.48 4.08 -4.32
CA ARG A 94 12.88 3.28 -3.27
C ARG A 94 11.41 3.05 -3.62
N ILE A 95 10.77 2.05 -2.97
CA ILE A 95 9.35 1.78 -3.17
C ILE A 95 8.68 1.68 -1.81
N THR A 96 7.70 2.57 -1.59
CA THR A 96 6.96 2.76 -0.36
C THR A 96 5.52 2.25 -0.57
N GLY A 97 4.94 1.75 0.51
CA GLY A 97 3.56 1.32 0.47
C GLY A 97 3.36 -0.17 0.73
N PHE A 98 4.47 -0.90 0.96
CA PHE A 98 4.42 -2.29 1.38
C PHE A 98 3.80 -2.30 2.77
N THR A 99 2.84 -3.22 3.01
CA THR A 99 2.40 -3.52 4.37
C THR A 99 3.57 -3.95 5.25
N SER A 100 4.29 -4.97 4.80
CA SER A 100 5.33 -5.63 5.61
C SER A 100 6.08 -6.61 4.69
N PRO A 101 6.99 -6.08 3.84
CA PRO A 101 7.54 -6.89 2.75
C PRO A 101 8.53 -7.94 3.29
N ARG A 102 8.74 -9.00 2.47
CA ARG A 102 9.57 -10.15 2.80
C ARG A 102 10.64 -10.35 1.71
N TYR A 103 10.18 -10.75 0.48
CA TYR A 103 11.04 -11.18 -0.61
C TYR A 103 10.60 -10.64 -1.97
N ILE A 104 11.58 -10.32 -2.81
CA ILE A 104 11.33 -9.74 -4.13
C ILE A 104 11.80 -10.75 -5.20
N HIS A 105 10.90 -10.95 -6.16
CA HIS A 105 11.11 -11.89 -7.24
C HIS A 105 10.79 -11.17 -8.55
N PHE A 106 11.80 -11.03 -9.41
CA PHE A 106 11.67 -10.34 -10.69
C PHE A 106 11.15 -11.30 -11.76
N LEU A 107 10.21 -10.83 -12.60
CA LEU A 107 9.75 -11.60 -13.75
C LEU A 107 10.30 -10.92 -14.99
N SER A 108 10.48 -9.59 -14.93
CA SER A 108 11.10 -8.82 -15.99
C SER A 108 11.64 -7.50 -15.45
N ASP A 109 12.19 -6.66 -16.32
CA ASP A 109 12.66 -5.34 -15.95
C ASP A 109 11.52 -4.47 -15.39
N GLU A 110 10.27 -4.76 -15.80
CA GLU A 110 9.11 -3.94 -15.49
C GLU A 110 8.12 -4.67 -14.59
N LYS A 111 8.48 -5.81 -14.00
CA LYS A 111 7.49 -6.56 -13.23
C LYS A 111 8.12 -7.51 -12.21
N ALA A 112 7.87 -7.23 -10.93
CA ALA A 112 8.29 -8.11 -9.86
C ALA A 112 7.17 -8.29 -8.84
N TYR A 113 7.21 -9.44 -8.14
CA TYR A 113 6.35 -9.75 -7.01
C TYR A 113 7.14 -9.48 -5.71
N VAL A 114 6.42 -8.97 -4.71
CA VAL A 114 6.98 -8.70 -3.41
C VAL A 114 6.02 -9.25 -2.37
N THR A 115 6.45 -10.35 -1.70
CA THR A 115 5.69 -11.03 -0.67
C THR A 115 5.57 -10.15 0.59
N GLN A 116 4.66 -10.52 1.50
CA GLN A 116 4.30 -9.71 2.66
C GLN A 116 3.92 -10.63 3.81
N ILE A 117 4.16 -10.16 5.04
CA ILE A 117 3.52 -10.72 6.24
C ILE A 117 2.38 -9.74 6.65
N TRP A 118 1.31 -10.28 7.30
CA TRP A 118 0.14 -9.52 7.74
C TRP A 118 -0.59 -8.89 6.54
N ASP A 119 -0.58 -9.61 5.42
CA ASP A 119 -1.27 -9.16 4.20
C ASP A 119 -1.59 -10.47 3.53
N TYR A 120 -2.71 -10.52 2.79
CA TYR A 120 -3.05 -11.75 2.04
C TYR A 120 -2.73 -11.61 0.56
N ARG A 121 -2.16 -10.47 0.21
CA ARG A 121 -1.82 -10.09 -1.15
C ARG A 121 -0.32 -10.17 -1.32
N ILE A 122 0.04 -10.60 -2.53
CA ILE A 122 1.38 -10.38 -3.04
C ILE A 122 1.26 -9.14 -3.90
N PHE A 123 2.13 -8.17 -3.64
CA PHE A 123 2.22 -6.93 -4.38
C PHE A 123 2.92 -7.13 -5.71
N ILE A 124 2.30 -6.67 -6.81
CA ILE A 124 3.02 -6.57 -8.08
C ILE A 124 3.63 -5.17 -8.17
N ILE A 125 4.90 -5.07 -8.60
CA ILE A 125 5.58 -3.78 -8.72
C ILE A 125 6.25 -3.66 -10.09
N ASN A 126 6.47 -2.40 -10.52
CA ASN A 126 7.31 -2.09 -11.68
C ASN A 126 8.64 -1.54 -11.16
N PRO A 127 9.71 -2.34 -11.24
CA PRO A 127 11.05 -1.86 -10.86
C PRO A 127 11.67 -0.68 -11.62
N LYS A 128 11.27 -0.45 -12.87
CA LYS A 128 11.85 0.62 -13.67
C LYS A 128 11.32 1.96 -13.18
N THR A 129 9.99 2.03 -12.88
CA THR A 129 9.30 3.25 -12.47
C THR A 129 9.18 3.39 -10.93
N TYR A 130 9.40 2.28 -10.19
CA TYR A 130 9.48 2.31 -8.73
C TYR A 130 8.08 2.46 -8.14
N GLU A 131 7.13 1.71 -8.71
CA GLU A 131 5.74 1.80 -8.30
C GLU A 131 5.19 0.40 -8.06
N ILE A 132 4.11 0.38 -7.26
CA ILE A 132 3.22 -0.77 -7.08
C ILE A 132 2.15 -0.72 -8.16
N THR A 133 2.01 -1.83 -8.94
CA THR A 133 1.11 -1.87 -10.10
C THR A 133 -0.10 -2.77 -9.82
N GLY A 134 0.01 -3.70 -8.90
CA GLY A 134 -1.18 -4.47 -8.54
C GLY A 134 -0.91 -5.37 -7.35
N TYR A 135 -1.77 -6.39 -7.24
CA TYR A 135 -1.90 -7.26 -6.08
C TYR A 135 -2.46 -8.60 -6.54
N ILE A 136 -1.88 -9.67 -6.02
CA ILE A 136 -2.36 -11.04 -6.15
C ILE A 136 -3.02 -11.44 -4.83
N GLU A 137 -4.31 -11.78 -4.89
CA GLU A 137 -5.04 -12.16 -3.68
C GLU A 137 -4.83 -13.62 -3.36
N CYS A 138 -4.28 -13.92 -2.18
CA CYS A 138 -4.11 -15.30 -1.75
C CYS A 138 -5.45 -15.88 -1.28
N PRO A 139 -5.86 -17.10 -1.67
CA PRO A 139 -7.09 -17.70 -1.12
C PRO A 139 -6.91 -18.19 0.33
N ASP A 140 -8.02 -18.33 1.08
CA ASP A 140 -8.07 -18.74 2.48
C ASP A 140 -7.07 -18.01 3.38
N MET A 141 -7.01 -16.69 3.20
CA MET A 141 -5.99 -15.94 3.87
C MET A 141 -6.52 -14.53 4.08
N ASP A 142 -6.32 -14.03 5.30
CA ASP A 142 -6.74 -12.69 5.69
C ASP A 142 -5.49 -11.87 5.99
N MET A 143 -5.72 -10.67 6.52
CA MET A 143 -4.67 -9.70 6.75
C MET A 143 -4.01 -9.97 8.11
N GLU A 144 -4.81 -10.33 9.10
CA GLU A 144 -4.34 -10.41 10.48
C GLU A 144 -3.35 -11.59 10.65
N SER A 145 -3.57 -12.69 9.93
CA SER A 145 -2.72 -13.89 10.05
C SER A 145 -1.97 -14.22 8.76
N GLY A 146 -2.00 -13.28 7.77
CA GLY A 146 -1.51 -13.50 6.41
C GLY A 146 0.02 -13.55 6.33
N SER A 147 0.52 -14.41 5.40
CA SER A 147 1.93 -14.61 5.15
C SER A 147 2.19 -15.23 3.78
N THR A 148 2.91 -14.49 2.96
CA THR A 148 3.67 -15.02 1.84
C THR A 148 5.16 -14.71 2.02
N GLU A 149 6.05 -15.48 1.40
CA GLU A 149 7.43 -15.53 1.87
C GLU A 149 8.39 -15.63 0.69
N GLN A 150 9.07 -16.78 0.52
CA GLN A 150 10.05 -16.95 -0.55
C GLN A 150 9.37 -17.57 -1.77
N MET A 151 10.01 -17.38 -2.93
CA MET A 151 9.42 -17.66 -4.22
C MET A 151 10.46 -18.35 -5.08
N VAL A 152 10.03 -19.28 -5.95
CA VAL A 152 10.84 -19.84 -7.03
C VAL A 152 10.02 -19.82 -8.33
N GLN A 153 10.74 -19.81 -9.46
CA GLN A 153 10.18 -19.87 -10.82
C GLN A 153 10.19 -21.32 -11.29
N TYR A 154 9.07 -21.76 -11.89
CA TYR A 154 8.98 -23.00 -12.66
C TYR A 154 8.20 -22.73 -13.95
N GLY A 155 8.91 -22.29 -14.99
CA GLY A 155 8.32 -21.92 -16.26
C GLY A 155 7.51 -20.64 -16.12
N LYS A 156 6.22 -20.70 -16.50
CA LYS A 156 5.26 -19.60 -16.38
C LYS A 156 4.75 -19.45 -14.94
N TYR A 157 5.12 -20.38 -14.05
CA TYR A 157 4.56 -20.43 -12.71
C TYR A 157 5.53 -19.86 -11.69
N VAL A 158 4.98 -19.28 -10.61
CA VAL A 158 5.79 -19.01 -9.42
C VAL A 158 5.17 -19.76 -8.22
N TYR A 159 6.04 -20.47 -7.53
CA TYR A 159 5.75 -21.13 -6.28
C TYR A 159 6.20 -20.26 -5.10
N VAL A 160 5.36 -20.20 -4.06
CA VAL A 160 5.63 -19.36 -2.89
C VAL A 160 5.22 -20.12 -1.61
N ASN A 161 6.04 -19.99 -0.57
CA ASN A 161 5.74 -20.58 0.74
C ASN A 161 5.01 -19.54 1.60
N CYS A 162 3.97 -20.04 2.29
CA CYS A 162 3.18 -19.27 3.24
C CYS A 162 3.65 -19.64 4.65
N TRP A 163 4.32 -18.65 5.28
CA TRP A 163 5.12 -18.88 6.47
C TRP A 163 4.30 -18.72 7.77
N SER A 164 4.18 -17.49 8.31
CA SER A 164 3.65 -17.24 9.65
C SER A 164 2.18 -17.63 9.67
N TYR A 165 1.79 -18.51 10.59
CA TYR A 165 0.41 -18.95 10.77
C TYR A 165 -0.21 -19.43 9.46
N GLN A 166 0.61 -20.08 8.61
CA GLN A 166 0.13 -20.73 7.41
C GLN A 166 0.87 -22.05 7.26
N ASN A 167 0.54 -22.80 6.20
CA ASN A 167 0.94 -24.19 6.06
C ASN A 167 0.78 -24.63 4.62
N ARG A 168 1.08 -23.70 3.68
CA ARG A 168 0.82 -23.92 2.28
C ARG A 168 1.98 -23.45 1.42
N ILE A 169 2.12 -24.20 0.30
CA ILE A 169 2.78 -23.72 -0.92
C ILE A 169 1.67 -23.38 -1.93
N LEU A 170 1.82 -22.20 -2.52
CA LEU A 170 0.88 -21.71 -3.51
C LEU A 170 1.58 -21.69 -4.86
N LYS A 171 0.76 -21.85 -5.89
CA LYS A 171 1.22 -21.81 -7.25
C LYS A 171 0.58 -20.60 -7.89
N ILE A 172 1.38 -19.67 -8.39
CA ILE A 172 0.86 -18.54 -9.13
C ILE A 172 1.10 -18.74 -10.62
N ASP A 173 0.08 -18.52 -11.46
CA ASP A 173 0.30 -18.32 -12.89
C ASP A 173 0.66 -16.86 -13.17
N THR A 174 1.91 -16.60 -13.59
CA THR A 174 2.44 -15.26 -13.82
C THR A 174 1.84 -14.60 -15.07
N GLU A 175 1.30 -15.37 -16.04
CA GLU A 175 0.66 -14.84 -17.23
C GLU A 175 -0.72 -14.24 -16.90
N THR A 176 -1.37 -14.65 -15.79
CA THR A 176 -2.65 -14.06 -15.38
C THR A 176 -2.57 -13.38 -14.02
N ASP A 177 -1.41 -13.48 -13.34
CA ASP A 177 -1.14 -12.99 -11.99
C ASP A 177 -2.13 -13.53 -10.95
N LYS A 178 -2.41 -14.84 -10.98
CA LYS A 178 -3.38 -15.38 -10.04
C LYS A 178 -2.91 -16.71 -9.53
N VAL A 179 -3.33 -16.97 -8.29
CA VAL A 179 -3.03 -18.18 -7.55
C VAL A 179 -3.94 -19.28 -8.13
N VAL A 180 -3.30 -20.37 -8.65
CA VAL A 180 -3.94 -21.40 -9.45
C VAL A 180 -3.93 -22.75 -8.75
N ASP A 181 -3.05 -22.96 -7.75
CA ASP A 181 -3.09 -24.21 -7.00
C ASP A 181 -2.47 -23.98 -5.62
N GLU A 182 -2.70 -24.92 -4.71
CA GLU A 182 -2.01 -24.90 -3.43
C GLU A 182 -1.78 -26.33 -2.96
N LEU A 183 -0.84 -26.47 -2.02
CA LEU A 183 -0.53 -27.73 -1.38
C LEU A 183 -0.33 -27.49 0.12
N THR A 184 -1.04 -28.29 0.93
CA THR A 184 -0.99 -28.16 2.39
C THR A 184 0.02 -29.18 2.91
N ILE A 185 0.90 -28.69 3.79
CA ILE A 185 1.97 -29.45 4.41
C ILE A 185 1.99 -29.08 5.90
N GLY A 186 3.07 -29.45 6.59
CA GLY A 186 3.29 -28.99 7.94
C GLY A 186 3.28 -27.47 8.11
N ILE A 187 3.10 -27.06 9.37
CA ILE A 187 2.86 -25.66 9.69
C ILE A 187 4.15 -24.85 9.53
N GLN A 188 3.97 -23.69 8.90
CA GLN A 188 4.93 -22.61 8.80
C GLN A 188 6.15 -23.06 8.03
N PRO A 189 6.01 -23.40 6.74
CA PRO A 189 7.16 -23.53 5.85
C PRO A 189 7.89 -22.18 5.77
N THR A 190 9.22 -22.23 5.88
CA THR A 190 10.00 -21.05 6.18
C THR A 190 10.65 -20.47 4.93
N SER A 191 11.03 -21.32 3.98
CA SER A 191 11.88 -20.93 2.86
C SER A 191 11.66 -21.91 1.72
N LEU A 192 12.19 -21.58 0.52
CA LEU A 192 11.89 -22.31 -0.70
C LEU A 192 13.03 -22.19 -1.72
N VAL A 193 13.43 -23.36 -2.25
CA VAL A 193 14.47 -23.48 -3.27
C VAL A 193 13.99 -24.50 -4.30
N MET A 194 14.58 -24.41 -5.50
CA MET A 194 14.27 -25.29 -6.61
C MET A 194 15.57 -25.98 -7.04
N ASP A 195 15.64 -27.33 -6.91
CA ASP A 195 16.87 -28.02 -7.24
C ASP A 195 16.96 -28.23 -8.75
N LYS A 196 18.07 -28.82 -9.24
CA LYS A 196 18.27 -28.89 -10.68
C LYS A 196 17.33 -29.91 -11.34
N TYR A 197 16.59 -30.72 -10.56
CA TYR A 197 15.63 -31.67 -11.08
C TYR A 197 14.20 -31.08 -11.14
N ASN A 198 14.12 -29.77 -10.86
CA ASN A 198 12.84 -29.10 -10.71
C ASN A 198 12.00 -29.79 -9.63
N LYS A 199 12.69 -30.05 -8.51
CA LYS A 199 12.04 -30.42 -7.27
C LYS A 199 12.30 -29.33 -6.23
N MET A 200 11.21 -28.89 -5.61
CA MET A 200 11.30 -27.81 -4.62
C MET A 200 11.65 -28.37 -3.24
N TRP A 201 12.42 -27.61 -2.46
CA TRP A 201 12.67 -27.97 -1.08
C TRP A 201 12.11 -26.84 -0.23
N THR A 202 11.32 -27.20 0.80
CA THR A 202 10.96 -26.28 1.88
C THR A 202 11.16 -26.99 3.21
N ILE A 203 11.44 -26.21 4.28
CA ILE A 203 11.59 -26.70 5.65
C ILE A 203 10.70 -25.87 6.55
N THR A 204 9.92 -26.53 7.42
CA THR A 204 9.06 -25.85 8.37
C THR A 204 9.81 -25.53 9.68
N ASP A 205 9.28 -24.56 10.46
CA ASP A 205 9.90 -24.16 11.72
C ASP A 205 9.14 -24.80 12.89
N GLY A 206 8.04 -25.51 12.63
CA GLY A 206 7.34 -26.24 13.68
C GLY A 206 6.44 -25.39 14.59
N GLY A 207 6.24 -24.10 14.24
CA GLY A 207 5.47 -23.21 15.09
C GLY A 207 6.26 -22.81 16.32
N TYR A 208 5.58 -22.50 17.44
CA TYR A 208 6.27 -22.14 18.69
C TYR A 208 5.39 -22.52 19.86
N GLU A 209 5.99 -22.72 21.03
CA GLU A 209 5.27 -23.07 22.24
C GLU A 209 4.29 -21.97 22.62
N GLY A 210 3.09 -22.39 23.03
CA GLY A 210 2.00 -21.47 23.33
C GLY A 210 1.31 -20.88 22.11
N SER A 211 1.83 -21.09 20.89
CA SER A 211 1.22 -20.53 19.69
C SER A 211 -0.28 -20.86 19.60
N PRO A 212 -1.12 -19.88 19.19
CA PRO A 212 -2.55 -20.12 18.94
C PRO A 212 -2.85 -21.00 17.73
N TYR A 213 -1.86 -21.10 16.83
CA TYR A 213 -1.99 -21.71 15.51
C TYR A 213 -1.48 -23.15 15.53
N GLY A 214 -0.33 -23.36 16.19
CA GLY A 214 0.12 -24.67 16.65
C GLY A 214 1.63 -24.77 16.83
N TYR A 215 2.03 -26.01 17.18
CA TYR A 215 3.38 -26.32 17.65
C TYR A 215 3.66 -27.81 17.45
N GLU A 216 4.58 -28.15 16.54
CA GLU A 216 4.78 -29.55 16.18
C GLU A 216 6.20 -29.79 15.67
N ALA A 217 6.57 -31.08 15.65
CA ALA A 217 7.79 -31.56 15.02
C ALA A 217 7.83 -31.03 13.58
N PRO A 218 8.90 -30.30 13.20
CA PRO A 218 9.02 -29.68 11.87
C PRO A 218 9.53 -30.69 10.83
N SER A 219 9.35 -30.38 9.52
CA SER A 219 9.76 -31.27 8.46
C SER A 219 10.51 -30.51 7.39
N LEU A 220 11.44 -31.24 6.75
CA LEU A 220 12.00 -30.89 5.46
C LEU A 220 11.29 -31.70 4.37
N TYR A 221 10.90 -31.01 3.28
CA TYR A 221 10.15 -31.67 2.22
C TYR A 221 10.76 -31.40 0.87
N ARG A 222 10.70 -32.44 0.01
CA ARG A 222 10.97 -32.33 -1.41
C ARG A 222 9.66 -32.49 -2.18
N ILE A 223 9.35 -31.48 -3.01
CA ILE A 223 8.08 -31.39 -3.70
C ILE A 223 8.34 -31.24 -5.19
N ASP A 224 7.82 -32.20 -5.96
CA ASP A 224 7.94 -32.16 -7.42
C ASP A 224 7.13 -30.97 -7.93
N ALA A 225 7.78 -30.13 -8.77
CA ALA A 225 7.16 -28.94 -9.34
C ALA A 225 6.10 -29.31 -10.37
N GLU A 226 6.40 -30.27 -11.25
CA GLU A 226 5.45 -30.71 -12.27
C GLU A 226 4.16 -31.25 -11.64
N THR A 227 4.23 -32.16 -10.67
CA THR A 227 3.03 -32.80 -10.12
C THR A 227 2.53 -32.09 -8.87
N PHE A 228 3.28 -31.06 -8.44
CA PHE A 228 3.07 -30.35 -7.18
C PHE A 228 2.71 -31.33 -6.05
N THR A 229 3.56 -32.35 -5.82
CA THR A 229 3.37 -33.27 -4.69
C THR A 229 4.66 -33.57 -3.92
N VAL A 230 4.45 -33.99 -2.67
CA VAL A 230 5.55 -34.34 -1.78
C VAL A 230 6.07 -35.70 -2.21
N GLU A 231 7.39 -35.74 -2.46
CA GLU A 231 8.11 -36.96 -2.79
C GLU A 231 8.88 -37.49 -1.59
N LYS A 232 9.51 -36.61 -0.81
CA LYS A 232 10.25 -37.02 0.38
C LYS A 232 9.93 -36.10 1.54
N GLN A 233 10.00 -36.69 2.74
CA GLN A 233 9.81 -35.93 3.96
C GLN A 233 10.78 -36.40 5.06
N PHE A 234 11.47 -35.39 5.64
CA PHE A 234 12.39 -35.60 6.73
C PHE A 234 11.86 -34.79 7.91
N LYS A 235 11.42 -35.53 8.91
CA LYS A 235 10.72 -35.02 10.04
C LYS A 235 11.68 -35.04 11.23
N PHE A 236 11.72 -33.93 11.97
CA PHE A 236 12.66 -33.69 13.05
C PHE A 236 11.94 -33.81 14.38
N LYS A 237 12.38 -33.05 15.41
CA LYS A 237 11.89 -33.25 16.78
C LYS A 237 11.10 -32.03 17.23
N LEU A 238 10.02 -32.27 17.99
CA LEU A 238 9.35 -31.19 18.72
C LEU A 238 10.39 -30.31 19.42
N GLY A 239 10.32 -29.00 19.18
CA GLY A 239 11.23 -28.05 19.82
C GLY A 239 12.35 -27.64 18.89
N ASP A 240 12.56 -28.44 17.84
CA ASP A 240 13.40 -28.06 16.72
C ASP A 240 12.76 -26.85 16.07
N TRP A 241 13.59 -25.93 15.55
CA TRP A 241 13.07 -24.76 14.87
C TRP A 241 13.88 -24.49 13.60
N PRO A 242 13.79 -25.40 12.59
CA PRO A 242 14.58 -25.23 11.37
C PRO A 242 14.27 -23.98 10.54
N SER A 243 15.22 -23.66 9.63
CA SER A 243 15.06 -22.60 8.68
C SER A 243 16.10 -22.68 7.55
N GLU A 244 15.89 -21.84 6.53
CA GLU A 244 16.88 -21.43 5.55
C GLU A 244 17.40 -22.60 4.72
N VAL A 245 16.55 -23.19 3.88
CA VAL A 245 17.04 -24.05 2.79
C VAL A 245 17.83 -23.22 1.78
N GLN A 246 19.03 -23.72 1.47
CA GLN A 246 19.92 -23.08 0.51
C GLN A 246 20.50 -24.18 -0.38
N LEU A 247 20.76 -23.86 -1.68
CA LEU A 247 21.45 -24.74 -2.61
C LEU A 247 22.80 -24.16 -3.02
N ASN A 248 23.68 -25.10 -3.35
CA ASN A 248 24.88 -24.81 -4.12
C ASN A 248 24.55 -24.37 -5.56
N GLY A 249 25.60 -24.00 -6.29
CA GLY A 249 25.45 -23.36 -7.58
C GLY A 249 24.89 -24.33 -8.62
N THR A 250 25.21 -25.62 -8.48
CA THR A 250 24.72 -26.67 -9.37
C THR A 250 23.37 -27.18 -8.89
N ARG A 251 22.87 -26.64 -7.78
CA ARG A 251 21.52 -26.96 -7.33
C ARG A 251 21.35 -28.46 -7.10
N ASP A 252 22.42 -29.11 -6.66
CA ASP A 252 22.29 -30.53 -6.33
C ASP A 252 22.71 -30.83 -4.90
N THR A 253 23.08 -29.82 -4.10
CA THR A 253 23.45 -30.02 -2.71
C THR A 253 22.74 -28.97 -1.86
N LEU A 254 21.99 -29.50 -0.87
CA LEU A 254 21.13 -28.69 -0.03
C LEU A 254 21.68 -28.58 1.41
N TYR A 255 21.59 -27.34 1.95
CA TYR A 255 21.92 -27.01 3.31
C TYR A 255 20.71 -26.35 3.98
N TRP A 256 20.61 -26.51 5.31
CA TRP A 256 19.66 -25.76 6.13
C TRP A 256 20.17 -25.68 7.57
N ILE A 257 19.42 -24.92 8.40
CA ILE A 257 19.71 -24.73 9.81
C ILE A 257 18.75 -25.61 10.60
N ASN A 258 19.30 -26.40 11.53
CA ASN A 258 18.48 -27.01 12.57
C ASN A 258 19.38 -27.29 13.77
N ASN A 259 19.58 -26.22 14.59
CA ASN A 259 20.59 -26.13 15.65
C ASN A 259 21.98 -26.08 14.98
N ASP A 260 22.33 -27.17 14.33
CA ASP A 260 23.49 -27.32 13.46
C ASP A 260 23.16 -26.79 12.06
N ILE A 261 24.18 -26.72 11.22
CA ILE A 261 24.06 -26.66 9.79
C ILE A 261 24.18 -28.06 9.18
N TRP A 262 23.21 -28.38 8.33
CA TRP A 262 23.05 -29.69 7.75
C TRP A 262 23.28 -29.55 6.25
N ARG A 263 23.77 -30.65 5.64
CA ARG A 263 24.09 -30.76 4.23
C ARG A 263 23.69 -32.13 3.73
N MET A 264 22.94 -32.14 2.62
CA MET A 264 22.46 -33.37 2.02
C MET A 264 22.36 -33.23 0.49
N PRO A 265 22.89 -34.23 -0.26
CA PRO A 265 22.59 -34.39 -1.68
C PRO A 265 21.08 -34.44 -1.84
N VAL A 266 20.60 -33.66 -2.84
CA VAL A 266 19.20 -33.60 -3.20
C VAL A 266 18.61 -34.97 -3.53
N GLU A 267 19.44 -35.89 -4.07
CA GLU A 267 18.98 -37.23 -4.43
C GLU A 267 19.03 -38.23 -3.28
N ALA A 268 19.47 -37.83 -2.08
CA ALA A 268 19.65 -38.77 -0.98
C ALA A 268 18.30 -39.12 -0.34
N ASP A 269 18.19 -40.32 0.23
CA ASP A 269 16.96 -40.74 0.91
C ASP A 269 16.99 -40.45 2.40
N ARG A 270 18.17 -40.15 2.95
CA ARG A 270 18.29 -39.88 4.37
C ARG A 270 19.15 -38.66 4.61
N VAL A 271 18.85 -37.96 5.72
CA VAL A 271 19.78 -36.95 6.21
C VAL A 271 21.00 -37.68 6.73
N PRO A 272 22.23 -37.20 6.41
CA PRO A 272 23.44 -37.78 6.99
C PRO A 272 23.40 -37.61 8.52
N VAL A 273 24.02 -38.55 9.25
CA VAL A 273 24.05 -38.51 10.72
C VAL A 273 24.79 -37.24 11.19
N ARG A 274 25.99 -37.01 10.60
CA ARG A 274 26.84 -35.88 10.94
C ARG A 274 26.46 -34.62 10.13
N PRO A 275 26.30 -33.45 10.82
CA PRO A 275 26.06 -32.16 10.18
C PRO A 275 27.25 -31.57 9.46
N PHE A 276 27.06 -30.54 8.65
CA PHE A 276 28.16 -29.84 8.03
C PHE A 276 28.91 -29.07 9.13
N LEU A 277 28.17 -28.42 10.03
CA LEU A 277 28.73 -27.59 11.11
C LEU A 277 27.94 -27.86 12.39
N GLU A 278 28.67 -28.18 13.46
CA GLU A 278 28.02 -28.65 14.66
C GLU A 278 27.50 -27.42 15.42
N PHE A 279 26.31 -27.58 16.03
CA PHE A 279 25.72 -26.65 16.99
C PHE A 279 26.74 -26.31 18.07
N ARG A 280 26.96 -25.03 18.37
CA ARG A 280 27.90 -24.67 19.42
C ARG A 280 27.25 -23.71 20.43
N ASP A 281 25.96 -23.96 20.76
CA ASP A 281 25.21 -23.23 21.79
C ASP A 281 25.04 -21.74 21.46
N THR A 282 24.94 -21.41 20.16
CA THR A 282 24.71 -20.05 19.69
C THR A 282 23.41 -20.11 18.92
N LYS A 283 23.30 -19.24 17.90
CA LYS A 283 22.07 -19.13 17.13
C LYS A 283 22.39 -18.99 15.67
N TYR A 284 22.68 -20.10 14.96
CA TYR A 284 22.88 -20.01 13.52
C TYR A 284 21.59 -19.49 12.92
N TYR A 285 21.67 -18.48 12.08
CA TYR A 285 20.48 -17.72 11.74
C TYR A 285 20.42 -17.48 10.24
N GLY A 286 21.58 -17.19 9.64
CA GLY A 286 21.60 -16.98 8.21
C GLY A 286 22.48 -18.01 7.55
N LEU A 287 22.29 -18.18 6.22
CA LEU A 287 22.97 -19.24 5.49
C LEU A 287 23.09 -18.88 4.03
N THR A 288 24.25 -19.14 3.39
CA THR A 288 24.38 -19.04 1.93
C THR A 288 25.54 -19.90 1.41
N VAL A 289 25.44 -20.30 0.13
CA VAL A 289 26.47 -21.07 -0.56
C VAL A 289 26.94 -20.29 -1.77
N ASN A 290 28.26 -20.09 -1.84
CA ASN A 290 28.83 -19.31 -2.91
C ASN A 290 28.50 -20.12 -4.18
N PRO A 291 27.83 -19.51 -5.18
CA PRO A 291 27.37 -20.22 -6.38
C PRO A 291 28.43 -20.67 -7.39
N ASN A 292 29.66 -20.18 -7.24
CA ASN A 292 30.77 -20.50 -8.13
C ASN A 292 31.71 -21.50 -7.46
N ASN A 293 32.00 -21.34 -6.15
CA ASN A 293 33.06 -22.13 -5.50
C ASN A 293 32.54 -23.05 -4.39
N GLY A 294 31.26 -22.95 -4.01
CA GLY A 294 30.64 -23.90 -3.11
C GLY A 294 31.00 -23.66 -1.64
N GLU A 295 31.66 -22.53 -1.33
CA GLU A 295 31.99 -22.13 0.04
C GLU A 295 30.72 -21.75 0.79
N VAL A 296 30.68 -22.12 2.05
CA VAL A 296 29.46 -21.99 2.82
C VAL A 296 29.66 -20.91 3.89
N TYR A 297 28.76 -19.93 3.93
CA TYR A 297 28.78 -18.87 4.92
C TYR A 297 27.58 -19.02 5.84
N VAL A 298 27.89 -18.93 7.14
CA VAL A 298 26.94 -19.18 8.21
C VAL A 298 26.87 -17.88 9.02
N ALA A 299 25.67 -17.24 9.09
CA ALA A 299 25.48 -16.06 9.91
C ALA A 299 24.95 -16.51 11.26
N ASP A 300 25.71 -16.14 12.31
CA ASP A 300 25.38 -16.46 13.69
C ASP A 300 24.91 -15.21 14.41
N ALA A 301 23.70 -15.26 14.95
CA ALA A 301 23.10 -14.14 15.64
C ALA A 301 23.52 -14.12 17.10
N ILE A 302 24.01 -15.28 17.58
CA ILE A 302 24.69 -15.52 18.85
C ILE A 302 23.65 -15.54 19.97
N ASP A 303 23.16 -14.35 20.32
CA ASP A 303 22.25 -14.15 21.44
C ASP A 303 21.16 -13.14 21.08
N TYR A 304 21.07 -12.77 19.79
CA TYR A 304 20.10 -11.82 19.26
C TYR A 304 20.31 -10.38 19.74
N GLN A 305 21.45 -10.09 20.40
CA GLN A 305 21.68 -8.77 20.97
C GLN A 305 23.03 -8.20 20.53
N GLN A 306 24.10 -8.99 20.71
CA GLN A 306 25.45 -8.56 20.37
C GLN A 306 25.62 -8.60 18.86
N GLN A 307 26.73 -7.98 18.41
CA GLN A 307 27.17 -8.03 17.02
C GLN A 307 27.24 -9.48 16.52
N GLY A 308 26.61 -9.73 15.38
CA GLY A 308 26.62 -11.05 14.79
C GLY A 308 27.97 -11.39 14.16
N ILE A 309 28.11 -12.68 13.84
CA ILE A 309 29.35 -13.19 13.29
CA ILE A 309 29.35 -13.20 13.30
C ILE A 309 29.04 -14.18 12.18
N VAL A 310 29.74 -13.99 11.05
CA VAL A 310 29.69 -14.86 9.88
C VAL A 310 30.96 -15.70 9.82
N TYR A 311 30.76 -17.02 9.69
CA TYR A 311 31.84 -17.96 9.50
C TYR A 311 31.88 -18.40 8.02
N ARG A 312 33.06 -18.46 7.40
CA ARG A 312 33.18 -18.84 6.01
C ARG A 312 33.87 -20.19 5.96
N TYR A 313 33.23 -21.14 5.25
CA TYR A 313 33.73 -22.52 5.16
C TYR A 313 33.98 -22.95 3.72
N SER A 314 34.93 -23.87 3.60
CA SER A 314 35.17 -24.58 2.37
C SER A 314 34.02 -25.58 2.17
N PRO A 315 33.74 -26.03 0.93
CA PRO A 315 32.66 -26.99 0.74
C PRO A 315 32.93 -28.28 1.52
N GLN A 316 34.21 -28.52 1.90
CA GLN A 316 34.62 -29.67 2.68
C GLN A 316 34.57 -29.36 4.19
N GLY A 317 34.08 -28.19 4.61
CA GLY A 317 33.76 -27.98 6.01
C GLY A 317 34.87 -27.35 6.85
N LYS A 318 35.99 -26.95 6.22
CA LYS A 318 37.12 -26.33 6.90
C LYS A 318 36.92 -24.82 6.96
N LEU A 319 37.08 -24.23 8.14
CA LEU A 319 36.91 -22.80 8.33
C LEU A 319 37.95 -21.99 7.56
N ILE A 320 37.49 -20.96 6.85
CA ILE A 320 38.34 -20.12 6.01
C ILE A 320 38.52 -18.78 6.71
N ASP A 321 37.43 -18.16 7.15
CA ASP A 321 37.44 -16.80 7.65
C ASP A 321 36.27 -16.65 8.60
N GLU A 322 36.33 -15.56 9.37
CA GLU A 322 35.23 -15.14 10.21
C GLU A 322 35.36 -13.63 10.43
N PHE A 323 34.18 -13.02 10.58
CA PHE A 323 34.05 -11.58 10.53
C PHE A 323 32.75 -11.19 11.26
N TYR A 324 32.84 -10.10 12.04
CA TYR A 324 31.73 -9.51 12.74
C TYR A 324 30.93 -8.71 11.73
N VAL A 325 29.59 -8.78 11.88
CA VAL A 325 28.67 -8.01 11.08
C VAL A 325 27.79 -7.19 12.03
N GLY A 326 26.51 -6.98 11.68
CA GLY A 326 25.55 -6.22 12.43
C GLY A 326 24.72 -7.12 13.34
N ILE A 327 23.57 -6.62 13.75
CA ILE A 327 22.76 -7.28 14.76
C ILE A 327 21.77 -8.20 14.06
N ILE A 328 21.64 -9.43 14.56
CA ILE A 328 20.88 -10.50 13.93
C ILE A 328 21.05 -10.49 12.40
N PRO A 329 22.20 -10.95 11.86
CA PRO A 329 22.37 -11.14 10.41
C PRO A 329 21.55 -12.36 9.96
N GLY A 330 20.70 -12.14 8.98
CA GLY A 330 19.69 -13.12 8.59
C GLY A 330 19.78 -13.58 7.14
N ALA A 331 20.38 -12.78 6.25
CA ALA A 331 20.37 -13.09 4.82
C ALA A 331 21.58 -12.47 4.11
N PHE A 332 21.84 -13.02 2.91
CA PHE A 332 23.06 -12.75 2.16
C PHE A 332 22.67 -12.39 0.72
N CYS A 333 23.53 -11.69 0.01
CA CYS A 333 23.27 -11.55 -1.40
C CYS A 333 24.60 -11.39 -2.13
N TRP A 334 24.81 -12.27 -3.11
CA TRP A 334 26.05 -12.40 -3.83
C TRP A 334 26.07 -11.34 -4.91
N LYS A 335 27.20 -10.63 -5.01
CA LYS A 335 27.52 -9.78 -6.13
C LYS A 335 28.67 -10.44 -6.89
N LEU A 336 28.40 -11.03 -8.05
CA LEU A 336 29.39 -11.86 -8.71
C LEU A 336 29.79 -11.18 -10.02
N GLU A 337 31.07 -11.27 -10.35
CA GLU A 337 31.54 -10.71 -11.61
C GLU A 337 31.17 -11.66 -12.77
N HIS A 338 31.29 -13.00 -12.52
CA HIS A 338 31.02 -14.06 -13.48
C HIS A 338 30.14 -15.11 -12.81
N HIS A 339 29.27 -15.76 -13.60
CA HIS A 339 28.22 -16.62 -13.06
C HIS A 339 28.46 -18.08 -13.50
N MET B 9 -0.41 17.57 -27.15
CA MET B 9 0.58 17.99 -26.12
C MET B 9 0.62 19.52 -26.02
N GLU B 10 -0.10 20.10 -25.03
CA GLU B 10 -0.61 21.46 -25.13
C GLU B 10 -0.12 22.36 -23.97
N ASP B 11 0.14 23.63 -24.33
CA ASP B 11 0.56 24.69 -23.42
C ASP B 11 -0.67 25.45 -22.90
N PHE B 12 -0.99 25.26 -21.60
CA PHE B 12 -1.98 26.03 -20.85
C PHE B 12 -1.30 27.03 -19.91
N SER B 13 -1.88 28.22 -19.78
CA SER B 13 -1.45 29.21 -18.80
C SER B 13 -2.67 30.01 -18.33
N VAL B 14 -3.40 29.43 -17.37
CA VAL B 14 -4.77 29.85 -17.12
C VAL B 14 -4.83 30.87 -15.98
N SER B 15 -6.05 31.46 -15.89
CA SER B 15 -6.52 32.42 -14.89
C SER B 15 -6.08 32.05 -13.47
N ALA B 16 -5.77 33.08 -12.68
CA ALA B 16 -5.47 32.93 -11.26
C ALA B 16 -6.70 32.48 -10.45
N SER B 17 -7.90 32.77 -10.97
CA SER B 17 -9.15 32.30 -10.38
C SER B 17 -9.87 31.35 -11.36
N GLY B 18 -10.40 30.26 -10.81
CA GLY B 18 -10.76 29.11 -11.59
C GLY B 18 -11.48 28.05 -10.76
N LEU B 19 -12.05 27.08 -11.48
CA LEU B 19 -12.79 25.99 -10.88
C LEU B 19 -12.38 24.72 -11.61
N PHE B 20 -11.99 23.69 -10.85
CA PHE B 20 -11.75 22.40 -11.45
C PHE B 20 -12.97 21.51 -11.24
N ILE B 21 -13.33 20.77 -12.31
CA ILE B 21 -14.34 19.75 -12.23
C ILE B 21 -13.71 18.39 -12.57
N THR B 22 -13.82 17.46 -11.61
CA THR B 22 -13.37 16.09 -11.80
C THR B 22 -14.55 15.28 -12.34
N ASN B 23 -14.19 14.46 -13.35
CA ASN B 23 -15.09 13.60 -14.07
C ASN B 23 -14.62 12.18 -13.80
N GLU B 24 -15.50 11.41 -13.15
CA GLU B 24 -15.20 10.03 -12.79
C GLU B 24 -15.04 9.17 -14.06
N GLY B 25 -15.70 9.56 -15.15
CA GLY B 25 -15.91 8.62 -16.23
C GLY B 25 -16.72 7.42 -15.78
N ASN B 26 -16.63 6.33 -16.57
CA ASN B 26 -17.33 5.10 -16.34
C ASN B 26 -16.38 4.13 -15.64
N PHE B 27 -16.74 3.74 -14.42
CA PHE B 27 -16.02 2.73 -13.65
C PHE B 27 -15.73 1.53 -14.54
N GLN B 28 -14.42 1.21 -14.70
CA GLN B 28 -13.82 0.05 -15.37
C GLN B 28 -13.60 0.28 -16.87
N TYR B 29 -13.62 1.57 -17.33
CA TYR B 29 -13.49 1.94 -18.74
C TYR B 29 -12.41 3.02 -18.94
N SER B 30 -11.74 3.50 -17.87
CA SER B 30 -10.58 4.37 -17.99
C SER B 30 -10.84 5.57 -18.90
N ASN B 31 -11.91 6.35 -18.63
CA ASN B 31 -12.26 7.56 -19.38
C ASN B 31 -12.47 8.76 -18.45
N ALA B 32 -11.88 8.72 -17.27
CA ALA B 32 -11.97 9.87 -16.37
C ALA B 32 -11.20 11.06 -16.96
N THR B 33 -11.68 12.27 -16.71
CA THR B 33 -11.02 13.49 -17.21
C THR B 33 -11.11 14.63 -16.18
N LEU B 34 -10.32 15.66 -16.45
CA LEU B 34 -10.35 16.87 -15.66
C LEU B 34 -10.87 18.01 -16.53
N SER B 35 -11.69 18.86 -15.92
CA SER B 35 -12.24 20.05 -16.56
C SER B 35 -11.85 21.31 -15.78
N TYR B 36 -11.65 22.42 -16.50
CA TYR B 36 -11.30 23.68 -15.87
C TYR B 36 -12.19 24.80 -16.45
N TYR B 37 -12.97 25.44 -15.55
CA TYR B 37 -13.91 26.50 -15.88
C TYR B 37 -13.42 27.84 -15.33
N ASP B 38 -13.51 28.89 -16.17
CA ASP B 38 -13.19 30.23 -15.76
C ASP B 38 -14.48 31.00 -15.55
N PRO B 39 -14.92 31.28 -14.30
CA PRO B 39 -16.19 31.96 -14.04
C PRO B 39 -16.23 33.40 -14.57
N ALA B 40 -15.07 34.04 -14.70
CA ALA B 40 -15.08 35.40 -15.23
C ALA B 40 -15.33 35.42 -16.75
N THR B 41 -14.89 34.41 -17.53
CA THR B 41 -15.15 34.36 -18.97
C THR B 41 -16.29 33.39 -19.31
N CYS B 42 -16.68 32.59 -18.31
CA CYS B 42 -17.71 31.59 -18.48
C CYS B 42 -17.26 30.60 -19.57
N GLU B 43 -15.95 30.38 -19.65
CA GLU B 43 -15.44 29.45 -20.64
C GLU B 43 -15.01 28.18 -19.93
N VAL B 44 -15.38 27.01 -20.48
CA VAL B 44 -14.86 25.74 -20.00
C VAL B 44 -13.74 25.23 -20.91
N GLU B 45 -12.76 24.51 -20.33
CA GLU B 45 -11.79 23.72 -21.07
C GLU B 45 -11.92 22.28 -20.58
N ASN B 46 -12.00 21.33 -21.53
CA ASN B 46 -12.22 19.93 -21.16
C ASN B 46 -10.97 19.10 -21.49
N GLU B 47 -10.85 17.98 -20.74
CA GLU B 47 -9.84 16.96 -20.91
C GLU B 47 -8.44 17.55 -20.72
N VAL B 48 -8.24 18.35 -19.67
CA VAL B 48 -7.09 19.24 -19.62
C VAL B 48 -5.83 18.53 -19.13
N PHE B 49 -6.00 17.51 -18.26
CA PHE B 49 -4.87 16.71 -17.82
C PHE B 49 -4.21 16.08 -19.03
N TYR B 50 -5.05 15.40 -19.84
CA TYR B 50 -4.64 14.69 -21.02
C TYR B 50 -3.96 15.69 -21.98
N ARG B 51 -4.63 16.80 -22.26
CA ARG B 51 -4.10 17.71 -23.25
C ARG B 51 -2.76 18.26 -22.76
N ALA B 52 -2.66 18.54 -21.45
CA ALA B 52 -1.47 19.15 -20.86
C ALA B 52 -0.28 18.18 -20.85
N ASN B 53 -0.54 16.87 -20.59
CA ASN B 53 0.45 15.87 -20.17
C ASN B 53 0.73 14.76 -21.21
N GLY B 54 -0.19 14.52 -22.15
CA GLY B 54 0.02 13.51 -23.20
C GLY B 54 -0.42 12.11 -22.77
N PHE B 55 -1.01 12.00 -21.56
CA PHE B 55 -1.56 10.73 -21.14
C PHE B 55 -2.83 10.93 -20.32
N LYS B 56 -3.60 9.83 -20.28
CA LYS B 56 -4.88 9.64 -19.58
C LYS B 56 -4.73 9.92 -18.10
N LEU B 57 -5.87 10.26 -17.50
CA LEU B 57 -5.94 10.40 -16.06
C LEU B 57 -6.17 9.02 -15.43
N GLY B 58 -6.94 8.14 -16.09
CA GLY B 58 -7.26 6.82 -15.56
C GLY B 58 -8.75 6.59 -15.30
N ASP B 59 -9.06 5.97 -14.16
CA ASP B 59 -10.36 5.40 -13.92
C ASP B 59 -10.86 5.94 -12.58
N VAL B 60 -12.01 6.67 -12.61
CA VAL B 60 -12.71 7.29 -11.49
C VAL B 60 -11.89 8.37 -10.78
N ALA B 61 -11.66 9.53 -11.43
CA ALA B 61 -11.18 10.70 -10.70
C ALA B 61 -12.24 11.09 -9.69
N GLN B 62 -11.89 10.97 -8.39
CA GLN B 62 -12.86 11.02 -7.29
C GLN B 62 -12.99 12.39 -6.64
N SER B 63 -11.88 13.12 -6.51
CA SER B 63 -11.76 14.30 -5.65
C SER B 63 -10.43 14.99 -5.94
N MET B 64 -10.21 16.11 -5.26
CA MET B 64 -9.16 17.02 -5.67
C MET B 64 -9.07 18.18 -4.68
N VAL B 65 -7.84 18.45 -4.23
CA VAL B 65 -7.50 19.43 -3.22
C VAL B 65 -6.33 20.25 -3.76
N ILE B 66 -6.37 21.57 -3.52
CA ILE B 66 -5.29 22.48 -3.91
C ILE B 66 -4.58 22.96 -2.64
N ARG B 67 -3.26 22.93 -2.68
CA ARG B 67 -2.41 23.44 -1.62
C ARG B 67 -1.15 24.02 -2.26
N ASP B 68 -0.78 25.21 -1.85
CA ASP B 68 0.52 25.81 -2.16
C ASP B 68 0.82 25.76 -3.67
N GLY B 69 -0.18 26.13 -4.51
CA GLY B 69 0.00 26.23 -5.97
C GLY B 69 -0.08 24.91 -6.76
N ILE B 70 -0.47 23.82 -6.07
CA ILE B 70 -0.33 22.44 -6.55
C ILE B 70 -1.71 21.79 -6.35
N GLY B 71 -2.17 21.08 -7.38
CA GLY B 71 -3.44 20.38 -7.36
C GLY B 71 -3.25 18.88 -7.16
N TRP B 72 -3.98 18.31 -6.20
CA TRP B 72 -3.80 16.91 -5.87
C TRP B 72 -5.07 16.19 -6.28
N ILE B 73 -4.98 15.39 -7.36
CA ILE B 73 -6.10 14.65 -7.89
C ILE B 73 -6.07 13.17 -7.47
N VAL B 74 -7.08 12.74 -6.73
CA VAL B 74 -7.24 11.34 -6.36
C VAL B 74 -7.90 10.64 -7.54
N VAL B 75 -7.23 9.61 -8.10
CA VAL B 75 -7.83 8.79 -9.15
C VAL B 75 -8.10 7.42 -8.54
N ASN B 76 -9.37 7.23 -8.17
CA ASN B 76 -9.80 6.19 -7.22
C ASN B 76 -9.37 4.85 -7.76
N ASN B 77 -9.69 4.57 -9.05
CA ASN B 77 -9.58 3.20 -9.54
C ASN B 77 -8.33 3.03 -10.38
N SER B 78 -7.37 3.97 -10.29
CA SER B 78 -6.03 3.83 -10.84
C SER B 78 -4.93 3.80 -9.75
N HIS B 79 -5.30 3.81 -8.47
CA HIS B 79 -4.37 3.63 -7.35
C HIS B 79 -3.30 4.73 -7.31
N VAL B 80 -3.70 5.98 -7.51
CA VAL B 80 -2.70 7.01 -7.67
C VAL B 80 -3.35 8.33 -7.28
N ILE B 81 -2.49 9.30 -6.91
CA ILE B 81 -2.86 10.71 -6.76
C ILE B 81 -1.91 11.54 -7.61
N PHE B 82 -2.40 12.29 -8.58
CA PHE B 82 -1.50 13.14 -9.33
C PHE B 82 -1.40 14.51 -8.68
N ALA B 83 -0.16 15.01 -8.58
CA ALA B 83 0.09 16.42 -8.37
C ALA B 83 0.34 17.09 -9.71
N ILE B 84 -0.53 18.06 -10.02
CA ILE B 84 -0.41 18.95 -11.17
C ILE B 84 -0.18 20.40 -10.73
N ASP B 85 0.55 21.14 -11.57
CA ASP B 85 0.63 22.59 -11.45
C ASP B 85 -0.75 23.12 -11.82
N ILE B 86 -1.29 24.09 -11.04
CA ILE B 86 -2.69 24.50 -11.20
C ILE B 86 -2.85 25.52 -12.33
N ASN B 87 -1.77 26.12 -12.84
CA ASN B 87 -1.87 27.08 -13.94
C ASN B 87 -1.61 26.41 -15.30
N THR B 88 -0.73 25.39 -15.31
CA THR B 88 -0.34 24.70 -16.54
C THR B 88 -1.02 23.34 -16.68
N PHE B 89 -1.41 22.71 -15.55
CA PHE B 89 -2.04 21.39 -15.47
C PHE B 89 -1.03 20.25 -15.70
N LYS B 90 0.27 20.58 -15.84
CA LYS B 90 1.34 19.59 -15.96
C LYS B 90 1.58 18.88 -14.61
N GLU B 91 1.90 17.58 -14.64
CA GLU B 91 2.25 16.82 -13.45
C GLU B 91 3.61 17.26 -12.90
N VAL B 92 3.70 17.46 -11.58
CA VAL B 92 4.95 17.68 -10.86
C VAL B 92 5.36 16.41 -10.08
N GLY B 93 4.43 15.45 -9.94
CA GLY B 93 4.66 14.21 -9.22
C GLY B 93 3.38 13.39 -9.03
N ARG B 94 3.50 12.19 -8.46
CA ARG B 94 2.36 11.29 -8.28
C ARG B 94 2.68 10.35 -7.12
N ILE B 95 1.64 9.71 -6.55
CA ILE B 95 1.84 8.75 -5.46
C ILE B 95 1.03 7.51 -5.81
N THR B 96 1.77 6.38 -5.90
CA THR B 96 1.29 5.07 -6.27
C THR B 96 1.28 4.17 -5.03
N GLY B 97 0.40 3.16 -5.04
CA GLY B 97 0.32 2.19 -3.96
C GLY B 97 -0.99 2.22 -3.18
N PHE B 98 -1.89 3.15 -3.52
CA PHE B 98 -3.21 3.24 -2.86
C PHE B 98 -4.00 2.01 -3.29
N THR B 99 -4.66 1.35 -2.30
CA THR B 99 -5.59 0.26 -2.58
C THR B 99 -6.72 0.75 -3.48
N SER B 100 -7.36 1.85 -3.10
CA SER B 100 -8.46 2.45 -3.84
C SER B 100 -8.80 3.78 -3.17
N PRO B 101 -8.04 4.87 -3.48
CA PRO B 101 -8.11 6.08 -2.67
C PRO B 101 -9.43 6.83 -2.93
N ARG B 102 -9.80 7.66 -1.95
CA ARG B 102 -11.03 8.44 -1.95
C ARG B 102 -10.70 9.95 -1.81
N TYR B 103 -10.12 10.35 -0.63
CA TYR B 103 -9.96 11.74 -0.24
C TYR B 103 -8.64 12.01 0.46
N ILE B 104 -8.07 13.20 0.19
CA ILE B 104 -6.77 13.60 0.74
C ILE B 104 -6.98 14.81 1.66
N HIS B 105 -6.39 14.67 2.85
CA HIS B 105 -6.44 15.68 3.87
C HIS B 105 -5.01 15.93 4.35
N PHE B 106 -4.53 17.17 4.19
CA PHE B 106 -3.20 17.57 4.60
C PHE B 106 -3.22 17.99 6.07
N LEU B 107 -2.16 17.59 6.82
CA LEU B 107 -1.97 18.05 8.18
C LEU B 107 -0.82 19.04 8.16
N SER B 108 0.15 18.81 7.26
CA SER B 108 1.31 19.68 7.09
C SER B 108 1.90 19.48 5.69
N ASP B 109 2.99 20.19 5.38
CA ASP B 109 3.65 20.04 4.08
C ASP B 109 4.15 18.59 3.86
N GLU B 110 4.40 17.88 4.98
CA GLU B 110 5.07 16.59 4.96
C GLU B 110 4.14 15.47 5.46
N LYS B 111 2.84 15.73 5.62
CA LYS B 111 1.98 14.71 6.19
C LYS B 111 0.52 14.90 5.79
N ALA B 112 -0.03 13.92 5.05
CA ALA B 112 -1.43 13.89 4.73
C ALA B 112 -2.00 12.49 4.93
N TYR B 113 -3.31 12.41 5.17
CA TYR B 113 -4.09 11.18 5.22
C TYR B 113 -4.85 11.04 3.90
N VAL B 114 -4.91 9.78 3.41
CA VAL B 114 -5.64 9.44 2.21
C VAL B 114 -6.52 8.23 2.52
N THR B 115 -7.83 8.47 2.52
CA THR B 115 -8.88 7.48 2.78
C THR B 115 -8.97 6.47 1.62
N GLN B 116 -9.68 5.36 1.84
CA GLN B 116 -9.67 4.23 0.91
C GLN B 116 -11.01 3.51 0.93
N ILE B 117 -11.39 2.90 -0.19
CA ILE B 117 -12.38 1.83 -0.21
C ILE B 117 -11.66 0.49 -0.35
N TRP B 118 -12.26 -0.59 0.22
CA TRP B 118 -11.72 -1.94 0.16
C TRP B 118 -10.39 -2.01 0.91
N ASP B 119 -10.27 -1.26 2.00
CA ASP B 119 -9.11 -1.29 2.87
C ASP B 119 -9.66 -0.88 4.23
N TYR B 120 -9.07 -1.33 5.33
CA TYR B 120 -9.51 -0.90 6.67
C TYR B 120 -8.59 0.18 7.25
N ARG B 121 -7.61 0.59 6.45
CA ARG B 121 -6.56 1.51 6.84
C ARG B 121 -6.78 2.84 6.11
N ILE B 122 -6.44 3.92 6.84
CA ILE B 122 -6.13 5.18 6.21
C ILE B 122 -4.62 5.23 6.05
N PHE B 123 -4.21 5.55 4.82
CA PHE B 123 -2.82 5.74 4.43
C PHE B 123 -2.26 7.07 4.90
N ILE B 124 -1.13 7.06 5.60
CA ILE B 124 -0.43 8.30 5.88
C ILE B 124 0.64 8.50 4.80
N ILE B 125 0.74 9.71 4.24
CA ILE B 125 1.69 9.98 3.16
C ILE B 125 2.52 11.22 3.48
N ASN B 126 3.69 11.33 2.84
CA ASN B 126 4.49 12.56 2.79
C ASN B 126 4.33 13.18 1.41
N PRO B 127 3.57 14.27 1.30
CA PRO B 127 3.47 15.02 0.03
C PRO B 127 4.72 15.65 -0.58
N LYS B 128 5.75 15.97 0.22
CA LYS B 128 6.92 16.63 -0.35
C LYS B 128 7.78 15.60 -1.08
N THR B 129 7.95 14.39 -0.48
CA THR B 129 8.77 13.30 -1.02
C THR B 129 7.98 12.30 -1.89
N TYR B 130 6.64 12.33 -1.78
CA TYR B 130 5.71 11.62 -2.66
C TYR B 130 5.72 10.14 -2.31
N GLU B 131 5.68 9.85 -1.01
CA GLU B 131 5.69 8.47 -0.56
C GLU B 131 4.62 8.28 0.51
N ILE B 132 4.29 6.99 0.74
CA ILE B 132 3.46 6.51 1.83
C ILE B 132 4.35 6.24 3.05
N THR B 133 4.02 6.84 4.22
CA THR B 133 4.84 6.73 5.43
C THR B 133 4.21 5.78 6.45
N GLY B 134 2.89 5.63 6.44
CA GLY B 134 2.29 4.73 7.38
C GLY B 134 0.82 4.47 7.04
N TYR B 135 0.14 3.96 8.07
CA TYR B 135 -1.21 3.43 8.03
C TYR B 135 -1.89 3.62 9.38
N ILE B 136 -3.17 4.04 9.37
CA ILE B 136 -4.05 4.07 10.53
C ILE B 136 -5.04 2.92 10.36
N GLU B 137 -5.01 1.98 11.31
CA GLU B 137 -5.96 0.89 11.32
C GLU B 137 -7.31 1.34 11.87
N CYS B 138 -8.37 1.22 11.06
CA CYS B 138 -9.73 1.35 11.55
C CYS B 138 -10.13 0.13 12.39
N PRO B 139 -10.76 0.28 13.57
CA PRO B 139 -11.33 -0.87 14.28
C PRO B 139 -12.59 -1.42 13.58
N ASP B 140 -12.91 -2.71 13.84
CA ASP B 140 -14.10 -3.44 13.37
C ASP B 140 -14.33 -3.31 11.85
N MET B 141 -13.24 -3.42 11.12
CA MET B 141 -13.32 -3.20 9.70
C MET B 141 -12.27 -4.10 9.03
N ASP B 142 -12.68 -4.73 7.94
CA ASP B 142 -11.79 -5.55 7.13
C ASP B 142 -11.59 -4.90 5.76
N MET B 143 -10.92 -5.66 4.90
CA MET B 143 -10.49 -5.18 3.60
C MET B 143 -11.64 -5.34 2.58
N GLU B 144 -12.37 -6.45 2.68
CA GLU B 144 -13.33 -6.83 1.67
C GLU B 144 -14.55 -5.90 1.69
N SER B 145 -14.94 -5.38 2.87
CA SER B 145 -16.08 -4.49 3.02
C SER B 145 -15.68 -3.09 3.52
N GLY B 146 -14.36 -2.79 3.54
CA GLY B 146 -13.79 -1.63 4.20
C GLY B 146 -14.03 -0.34 3.41
N SER B 147 -14.22 0.78 4.14
CA SER B 147 -14.44 2.13 3.60
C SER B 147 -14.16 3.21 4.62
N THR B 148 -13.24 4.10 4.27
CA THR B 148 -13.13 5.45 4.80
C THR B 148 -13.28 6.47 3.65
N GLU B 149 -13.67 7.71 3.96
CA GLU B 149 -14.23 8.58 2.92
C GLU B 149 -13.76 10.01 3.11
N GLN B 150 -14.64 10.93 3.51
CA GLN B 150 -14.30 12.34 3.63
C GLN B 150 -13.90 12.64 5.08
N MET B 151 -13.14 13.71 5.22
CA MET B 151 -12.46 14.04 6.46
C MET B 151 -12.64 15.53 6.73
N VAL B 152 -12.89 15.91 8.01
CA VAL B 152 -12.80 17.28 8.53
C VAL B 152 -11.83 17.35 9.72
N GLN B 153 -11.27 18.55 9.93
CA GLN B 153 -10.37 18.86 11.03
C GLN B 153 -11.15 19.49 12.18
N TYR B 154 -10.85 19.03 13.40
CA TYR B 154 -11.33 19.65 14.62
C TYR B 154 -10.21 19.68 15.68
N GLY B 155 -9.40 20.75 15.68
CA GLY B 155 -8.24 20.87 16.56
C GLY B 155 -7.17 19.88 16.13
N LYS B 156 -6.71 19.06 17.09
CA LYS B 156 -5.78 17.95 16.88
C LYS B 156 -6.46 16.73 16.25
N TYR B 157 -7.80 16.75 16.07
CA TYR B 157 -8.55 15.58 15.66
C TYR B 157 -8.93 15.64 14.18
N VAL B 158 -9.05 14.46 13.56
CA VAL B 158 -9.68 14.36 12.26
C VAL B 158 -10.85 13.37 12.40
N TYR B 159 -12.00 13.85 11.89
CA TYR B 159 -13.21 13.07 11.76
C TYR B 159 -13.35 12.59 10.31
N VAL B 160 -13.80 11.34 10.19
CA VAL B 160 -13.88 10.70 8.89
C VAL B 160 -15.14 9.82 8.85
N ASN B 161 -15.89 9.91 7.75
CA ASN B 161 -17.05 9.05 7.53
C ASN B 161 -16.63 7.74 6.85
N CYS B 162 -17.30 6.65 7.31
CA CYS B 162 -17.09 5.31 6.77
C CYS B 162 -18.31 4.97 5.93
N TRP B 163 -18.09 4.96 4.62
CA TRP B 163 -19.14 5.00 3.61
C TRP B 163 -19.65 3.59 3.22
N SER B 164 -19.04 2.90 2.25
CA SER B 164 -19.56 1.68 1.66
C SER B 164 -19.57 0.57 2.71
N TYR B 165 -20.73 -0.05 2.93
CA TYR B 165 -20.94 -1.14 3.89
C TYR B 165 -20.40 -0.77 5.27
N GLN B 166 -20.52 0.51 5.66
CA GLN B 166 -20.20 0.93 7.01
C GLN B 166 -21.28 1.92 7.47
N ASN B 167 -21.13 2.42 8.70
CA ASN B 167 -22.20 3.15 9.37
C ASN B 167 -21.59 3.93 10.54
N ARG B 168 -20.38 4.48 10.34
CA ARG B 168 -19.65 5.10 11.41
C ARG B 168 -18.96 6.38 10.94
N ILE B 169 -18.81 7.27 11.93
CA ILE B 169 -17.82 8.34 11.95
C ILE B 169 -16.74 7.92 12.96
N LEU B 170 -15.48 8.05 12.51
CA LEU B 170 -14.34 7.79 13.38
C LEU B 170 -13.65 9.10 13.74
N LYS B 171 -13.07 9.12 14.93
CA LYS B 171 -12.28 10.22 15.42
C LYS B 171 -10.81 9.81 15.48
N ILE B 172 -9.96 10.54 14.75
CA ILE B 172 -8.55 10.19 14.72
C ILE B 172 -7.81 11.26 15.50
N ASP B 173 -6.92 10.85 16.42
CA ASP B 173 -5.96 11.77 17.01
C ASP B 173 -4.74 11.84 16.10
N THR B 174 -4.52 13.02 15.49
CA THR B 174 -3.47 13.25 14.52
C THR B 174 -2.07 13.29 15.16
N GLU B 175 -1.99 13.60 16.47
CA GLU B 175 -0.73 13.60 17.19
C GLU B 175 -0.19 12.19 17.43
N THR B 176 -1.06 11.16 17.47
CA THR B 176 -0.61 9.77 17.65
C THR B 176 -0.95 8.88 16.45
N ASP B 177 -1.70 9.43 15.47
CA ASP B 177 -2.17 8.75 14.26
C ASP B 177 -2.99 7.49 14.59
N LYS B 178 -3.92 7.62 15.55
CA LYS B 178 -4.74 6.48 15.87
C LYS B 178 -6.19 6.93 16.05
N VAL B 179 -7.08 6.01 15.72
CA VAL B 179 -8.51 6.14 15.91
C VAL B 179 -8.79 5.97 17.41
N VAL B 180 -9.39 7.02 18.01
CA VAL B 180 -9.57 7.20 19.45
C VAL B 180 -11.06 7.21 19.83
N ASP B 181 -11.99 7.42 18.89
CA ASP B 181 -13.41 7.24 19.17
C ASP B 181 -14.15 6.90 17.89
N GLU B 182 -15.39 6.41 18.03
CA GLU B 182 -16.25 6.23 16.89
C GLU B 182 -17.70 6.46 17.28
N LEU B 183 -18.55 6.69 16.29
CA LEU B 183 -19.97 6.89 16.50
C LEU B 183 -20.73 6.17 15.40
N THR B 184 -21.62 5.27 15.82
CA THR B 184 -22.51 4.56 14.90
C THR B 184 -23.78 5.39 14.66
N ILE B 185 -24.12 5.52 13.36
CA ILE B 185 -25.30 6.21 12.84
C ILE B 185 -25.96 5.30 11.80
N GLY B 186 -26.82 5.87 10.95
CA GLY B 186 -27.41 5.11 9.86
C GLY B 186 -26.37 4.67 8.83
N ILE B 187 -26.79 3.74 7.96
CA ILE B 187 -25.87 3.06 7.07
C ILE B 187 -25.42 3.99 5.94
N GLN B 188 -24.09 3.90 5.71
CA GLN B 188 -23.36 4.48 4.60
C GLN B 188 -23.50 5.98 4.60
N PRO B 189 -22.96 6.67 5.64
CA PRO B 189 -22.75 8.12 5.56
C PRO B 189 -21.81 8.40 4.38
N THR B 190 -22.17 9.42 3.57
CA THR B 190 -21.57 9.59 2.27
C THR B 190 -20.47 10.64 2.27
N SER B 191 -20.64 11.68 3.08
CA SER B 191 -19.81 12.88 2.98
C SER B 191 -19.83 13.63 4.31
N LEU B 192 -18.95 14.63 4.47
CA LEU B 192 -18.70 15.24 5.77
C LEU B 192 -18.19 16.68 5.61
N VAL B 193 -18.86 17.58 6.35
CA VAL B 193 -18.53 19.00 6.39
C VAL B 193 -18.60 19.46 7.85
N MET B 194 -17.91 20.58 8.13
CA MET B 194 -17.87 21.17 9.47
C MET B 194 -18.40 22.61 9.40
N ASP B 195 -19.54 22.89 10.05
CA ASP B 195 -20.09 24.24 9.98
C ASP B 195 -19.34 25.19 10.93
N LYS B 196 -19.67 26.49 10.91
CA LYS B 196 -18.88 27.45 11.66
C LYS B 196 -19.11 27.32 13.17
N TYR B 197 -20.09 26.50 13.61
CA TYR B 197 -20.32 26.23 15.03
C TYR B 197 -19.54 25.00 15.51
N ASN B 198 -18.68 24.44 14.63
CA ASN B 198 -18.00 23.19 14.91
C ASN B 198 -19.01 22.06 15.15
N LYS B 199 -20.04 22.06 14.30
CA LYS B 199 -20.97 20.96 14.19
C LYS B 199 -20.86 20.35 12.80
N MET B 200 -20.70 19.02 12.78
CA MET B 200 -20.46 18.30 11.55
C MET B 200 -21.79 17.99 10.89
N TRP B 201 -21.84 17.92 9.57
CA TRP B 201 -23.00 17.44 8.84
C TRP B 201 -22.56 16.28 7.99
N THR B 202 -23.35 15.19 8.00
CA THR B 202 -23.21 14.06 7.11
C THR B 202 -24.62 13.65 6.66
N ILE B 203 -24.73 13.09 5.45
CA ILE B 203 -25.98 12.55 4.91
C ILE B 203 -25.68 11.13 4.41
N THR B 204 -26.55 10.18 4.75
CA THR B 204 -26.39 8.80 4.31
C THR B 204 -27.09 8.58 2.97
N ASP B 205 -26.74 7.48 2.26
CA ASP B 205 -27.31 7.18 0.93
C ASP B 205 -28.36 6.07 1.05
N GLY B 206 -28.57 5.55 2.26
CA GLY B 206 -29.63 4.57 2.49
C GLY B 206 -29.29 3.14 2.06
N GLY B 207 -28.07 2.87 1.59
CA GLY B 207 -27.78 1.58 0.98
C GLY B 207 -28.40 1.44 -0.41
N TYR B 208 -28.71 0.21 -0.83
CA TYR B 208 -29.33 -0.03 -2.15
C TYR B 208 -30.16 -1.32 -2.08
N GLU B 209 -31.14 -1.43 -2.97
CA GLU B 209 -31.99 -2.61 -3.05
C GLU B 209 -31.16 -3.86 -3.33
N GLY B 210 -31.47 -4.93 -2.59
CA GLY B 210 -30.72 -6.17 -2.69
C GLY B 210 -29.36 -6.18 -1.99
N SER B 211 -28.90 -5.06 -1.47
CA SER B 211 -27.63 -5.02 -0.77
C SER B 211 -27.53 -6.06 0.35
N PRO B 212 -26.36 -6.75 0.49
CA PRO B 212 -26.13 -7.72 1.59
C PRO B 212 -26.01 -7.07 2.96
N TYR B 213 -25.71 -5.76 2.96
CA TYR B 213 -25.38 -5.03 4.18
C TYR B 213 -26.61 -4.26 4.67
N GLY B 214 -27.33 -3.60 3.74
CA GLY B 214 -28.71 -3.18 3.98
C GLY B 214 -29.18 -2.06 3.06
N TYR B 215 -30.46 -1.72 3.32
CA TYR B 215 -31.25 -0.79 2.52
C TYR B 215 -32.32 -0.12 3.40
N GLU B 216 -32.24 1.19 3.62
CA GLU B 216 -33.15 1.85 4.56
C GLU B 216 -33.32 3.33 4.20
N ALA B 217 -34.37 3.95 4.76
CA ALA B 217 -34.59 5.38 4.67
C ALA B 217 -33.33 6.10 5.14
N PRO B 218 -32.72 6.97 4.29
CA PRO B 218 -31.48 7.69 4.63
C PRO B 218 -31.74 8.91 5.53
N SER B 219 -30.69 9.43 6.19
CA SER B 219 -30.84 10.56 7.09
C SER B 219 -29.74 11.59 6.83
N LEU B 220 -30.11 12.85 7.14
CA LEU B 220 -29.15 13.94 7.29
C LEU B 220 -28.93 14.18 8.79
N TYR B 221 -27.65 14.34 9.19
CA TYR B 221 -27.33 14.45 10.61
C TYR B 221 -26.41 15.63 10.88
N ARG B 222 -26.67 16.31 12.02
CA ARG B 222 -25.76 17.26 12.61
C ARG B 222 -25.14 16.65 13.87
N ILE B 223 -23.80 16.62 13.90
CA ILE B 223 -23.07 15.98 14.97
C ILE B 223 -22.09 16.98 15.56
N ASP B 224 -22.22 17.25 16.87
CA ASP B 224 -21.32 18.15 17.58
C ASP B 224 -19.92 17.54 17.61
N ALA B 225 -18.91 18.31 17.17
CA ALA B 225 -17.52 17.86 17.16
C ALA B 225 -16.96 17.73 18.59
N GLU B 226 -17.25 18.68 19.49
CA GLU B 226 -16.76 18.59 20.85
C GLU B 226 -17.29 17.31 21.54
N THR B 227 -18.60 17.03 21.49
CA THR B 227 -19.19 15.94 22.25
C THR B 227 -19.29 14.69 21.38
N PHE B 228 -18.94 14.81 20.10
CA PHE B 228 -19.10 13.76 19.11
C PHE B 228 -20.45 13.06 19.31
N THR B 229 -21.55 13.83 19.23
CA THR B 229 -22.91 13.33 19.46
C THR B 229 -23.86 13.96 18.43
N VAL B 230 -24.83 13.16 17.97
CA VAL B 230 -25.91 13.63 17.12
C VAL B 230 -26.78 14.63 17.88
N GLU B 231 -26.95 15.84 17.29
CA GLU B 231 -27.85 16.88 17.78
C GLU B 231 -29.14 16.97 16.97
N LYS B 232 -29.06 16.81 15.65
CA LYS B 232 -30.26 16.85 14.80
C LYS B 232 -30.22 15.68 13.82
N GLN B 233 -31.41 15.17 13.49
CA GLN B 233 -31.56 14.14 12.47
C GLN B 233 -32.78 14.41 11.59
N PHE B 234 -32.56 14.43 10.28
CA PHE B 234 -33.61 14.56 9.28
C PHE B 234 -33.61 13.31 8.42
N LYS B 235 -34.69 12.53 8.59
CA LYS B 235 -34.85 11.26 7.89
C LYS B 235 -35.75 11.45 6.67
N PHE B 236 -35.34 10.87 5.53
CA PHE B 236 -36.05 10.96 4.27
C PHE B 236 -36.74 9.64 3.98
N LYS B 237 -36.82 9.24 2.71
CA LYS B 237 -37.72 8.18 2.29
C LYS B 237 -36.91 7.00 1.75
N LEU B 238 -37.35 5.77 2.09
CA LEU B 238 -36.81 4.59 1.45
C LEU B 238 -36.75 4.81 -0.07
N GLY B 239 -35.58 4.56 -0.67
CA GLY B 239 -35.43 4.67 -2.11
C GLY B 239 -34.76 5.98 -2.48
N ASP B 240 -34.79 6.93 -1.52
CA ASP B 240 -33.93 8.11 -1.60
C ASP B 240 -32.47 7.62 -1.57
N TRP B 241 -31.61 8.35 -2.29
CA TRP B 241 -30.18 8.07 -2.28
C TRP B 241 -29.43 9.40 -2.21
N PRO B 242 -29.50 10.11 -1.05
CA PRO B 242 -28.78 11.38 -0.88
C PRO B 242 -27.25 11.32 -0.90
N SER B 243 -26.64 12.51 -1.00
CA SER B 243 -25.21 12.65 -1.16
C SER B 243 -24.78 14.13 -1.09
N GLU B 244 -23.49 14.32 -0.91
CA GLU B 244 -22.80 15.59 -1.11
C GLU B 244 -23.35 16.71 -0.22
N VAL B 245 -23.19 16.62 1.12
CA VAL B 245 -23.29 17.81 1.96
C VAL B 245 -22.19 18.81 1.55
N GLN B 246 -22.62 20.05 1.35
CA GLN B 246 -21.73 21.14 0.96
C GLN B 246 -22.08 22.38 1.77
N LEU B 247 -21.09 23.25 2.08
CA LEU B 247 -21.34 24.48 2.82
C LEU B 247 -20.90 25.67 1.99
N ASN B 248 -21.55 26.80 2.26
CA ASN B 248 -21.12 28.10 1.80
C ASN B 248 -19.84 28.51 2.55
N GLY B 249 -19.30 29.66 2.12
CA GLY B 249 -17.99 30.07 2.58
C GLY B 249 -17.99 30.46 4.05
N THR B 250 -19.11 31.02 4.53
CA THR B 250 -19.28 31.37 5.93
C THR B 250 -19.64 30.13 6.74
N ARG B 251 -19.85 28.99 6.08
CA ARG B 251 -20.10 27.73 6.76
C ARG B 251 -21.34 27.84 7.63
N ASP B 252 -22.35 28.57 7.16
CA ASP B 252 -23.61 28.61 7.90
C ASP B 252 -24.79 28.21 7.03
N THR B 253 -24.57 27.83 5.76
CA THR B 253 -25.65 27.40 4.87
C THR B 253 -25.22 26.12 4.19
N LEU B 254 -26.09 25.11 4.34
CA LEU B 254 -25.81 23.75 3.90
C LEU B 254 -26.69 23.40 2.67
N TYR B 255 -26.07 22.73 1.70
CA TYR B 255 -26.71 22.18 0.52
C TYR B 255 -26.43 20.67 0.45
N TRP B 256 -27.31 19.89 -0.18
CA TRP B 256 -27.05 18.51 -0.51
C TRP B 256 -27.92 18.06 -1.67
N ILE B 257 -27.67 16.82 -2.13
CA ILE B 257 -28.42 16.20 -3.23
C ILE B 257 -29.38 15.20 -2.61
N ASN B 258 -30.64 15.28 -3.01
CA ASN B 258 -31.58 14.22 -2.75
C ASN B 258 -32.70 14.37 -3.78
N ASN B 259 -32.42 13.80 -4.99
CA ASN B 259 -33.17 13.99 -6.24
C ASN B 259 -33.03 15.46 -6.68
N ASP B 260 -33.59 16.37 -5.87
CA ASP B 260 -33.42 17.82 -5.96
C ASP B 260 -32.12 18.20 -5.26
N ILE B 261 -31.76 19.48 -5.43
CA ILE B 261 -30.79 20.17 -4.61
C ILE B 261 -31.49 20.96 -3.49
N TRP B 262 -31.05 20.71 -2.26
CA TRP B 262 -31.68 21.24 -1.07
C TRP B 262 -30.73 22.22 -0.43
N ARG B 263 -31.29 23.23 0.25
CA ARG B 263 -30.54 24.25 0.97
C ARG B 263 -31.24 24.52 2.30
N MET B 264 -30.43 24.57 3.37
CA MET B 264 -30.92 24.79 4.72
C MET B 264 -29.87 25.57 5.53
N PRO B 265 -30.27 26.66 6.25
CA PRO B 265 -29.42 27.24 7.29
C PRO B 265 -29.11 26.17 8.33
N VAL B 266 -27.82 26.11 8.72
CA VAL B 266 -27.30 25.12 9.65
C VAL B 266 -28.07 25.15 10.99
N GLU B 267 -28.55 26.35 11.41
CA GLU B 267 -29.26 26.51 12.68
C GLU B 267 -30.75 26.21 12.58
N ALA B 268 -31.27 25.80 11.40
CA ALA B 268 -32.69 25.59 11.21
C ALA B 268 -33.14 24.28 11.87
N ASP B 269 -34.41 24.24 12.29
CA ASP B 269 -35.00 23.08 12.93
C ASP B 269 -35.70 22.15 11.93
N ARG B 270 -35.91 22.61 10.69
CA ARG B 270 -36.62 21.84 9.68
C ARG B 270 -35.96 22.03 8.32
N VAL B 271 -36.01 21.00 7.47
CA VAL B 271 -35.68 21.20 6.06
C VAL B 271 -36.81 22.06 5.45
N PRO B 272 -36.47 23.07 4.62
CA PRO B 272 -37.50 23.81 3.88
C PRO B 272 -38.31 22.88 2.97
N VAL B 273 -39.60 23.19 2.76
CA VAL B 273 -40.45 22.45 1.83
C VAL B 273 -39.89 22.50 0.41
N ARG B 274 -39.53 23.72 -0.05
CA ARG B 274 -38.98 23.98 -1.38
C ARG B 274 -37.47 23.72 -1.45
N PRO B 275 -37.02 22.96 -2.48
CA PRO B 275 -35.60 22.81 -2.77
C PRO B 275 -34.99 24.04 -3.44
N PHE B 276 -33.66 24.10 -3.46
CA PHE B 276 -32.94 25.16 -4.15
C PHE B 276 -33.14 24.97 -5.65
N LEU B 277 -33.05 23.71 -6.10
CA LEU B 277 -33.19 23.36 -7.52
C LEU B 277 -33.99 22.07 -7.65
N GLU B 278 -35.01 22.12 -8.51
CA GLU B 278 -36.00 21.06 -8.50
C GLU B 278 -35.45 19.91 -9.35
N PHE B 279 -35.73 18.66 -8.90
CA PHE B 279 -35.43 17.42 -9.64
C PHE B 279 -36.02 17.54 -11.04
N ARG B 280 -35.23 17.28 -12.10
CA ARG B 280 -35.76 17.37 -13.46
C ARG B 280 -35.47 16.07 -14.23
N ASP B 281 -35.62 14.92 -13.56
CA ASP B 281 -35.55 13.59 -14.18
C ASP B 281 -34.19 13.29 -14.80
N THR B 282 -33.13 13.84 -14.20
CA THR B 282 -31.75 13.66 -14.62
C THR B 282 -31.05 13.07 -13.41
N LYS B 283 -29.75 13.36 -13.25
CA LYS B 283 -28.95 12.78 -12.17
C LYS B 283 -28.01 13.79 -11.56
N TYR B 284 -28.50 14.70 -10.71
CA TYR B 284 -27.61 15.63 -10.03
C TYR B 284 -26.62 14.81 -9.20
N TYR B 285 -25.31 15.12 -9.34
CA TYR B 285 -24.31 14.15 -8.91
C TYR B 285 -23.20 14.84 -8.15
N GLY B 286 -22.77 16.00 -8.65
CA GLY B 286 -21.75 16.78 -7.96
C GLY B 286 -22.33 18.09 -7.48
N LEU B 287 -21.69 18.70 -6.47
CA LEU B 287 -22.21 19.92 -5.85
C LEU B 287 -21.06 20.77 -5.28
N THR B 288 -21.12 22.10 -5.45
CA THR B 288 -20.19 23.01 -4.75
C THR B 288 -20.78 24.42 -4.63
N VAL B 289 -20.29 25.17 -3.62
CA VAL B 289 -20.66 26.55 -3.37
C VAL B 289 -19.40 27.40 -3.41
N ASN B 290 -19.43 28.45 -4.24
CA ASN B 290 -18.29 29.31 -4.39
C ASN B 290 -18.09 29.94 -3.01
N PRO B 291 -16.89 29.78 -2.38
CA PRO B 291 -16.68 30.25 -1.02
C PRO B 291 -16.61 31.77 -0.78
N ASN B 292 -16.50 32.54 -1.86
CA ASN B 292 -16.40 33.98 -1.79
C ASN B 292 -17.75 34.66 -2.09
N ASN B 293 -18.52 34.13 -3.07
CA ASN B 293 -19.68 34.84 -3.61
C ASN B 293 -20.97 34.02 -3.49
N GLY B 294 -20.90 32.76 -3.03
CA GLY B 294 -22.10 32.04 -2.61
C GLY B 294 -22.85 31.41 -3.79
N GLU B 295 -22.29 31.48 -5.01
CA GLU B 295 -22.87 30.90 -6.21
C GLU B 295 -22.79 29.38 -6.16
N VAL B 296 -23.82 28.74 -6.67
CA VAL B 296 -23.98 27.29 -6.48
C VAL B 296 -23.81 26.57 -7.83
N TYR B 297 -22.88 25.61 -7.88
CA TYR B 297 -22.64 24.79 -9.07
C TYR B 297 -23.11 23.35 -8.85
N VAL B 298 -23.88 22.87 -9.82
CA VAL B 298 -24.55 21.58 -9.77
C VAL B 298 -23.99 20.77 -10.94
N ALA B 299 -23.28 19.63 -10.64
CA ALA B 299 -22.83 18.72 -11.68
C ALA B 299 -23.91 17.67 -11.91
N ASP B 300 -24.44 17.63 -13.15
CA ASP B 300 -25.48 16.70 -13.56
C ASP B 300 -24.87 15.65 -14.47
N ALA B 301 -24.98 14.38 -14.09
CA ALA B 301 -24.39 13.28 -14.82
C ALA B 301 -25.31 12.81 -15.95
N ILE B 302 -26.61 13.19 -15.81
CA ILE B 302 -27.69 13.10 -16.79
C ILE B 302 -28.20 11.67 -16.82
N ASP B 303 -27.41 10.77 -17.43
CA ASP B 303 -27.77 9.38 -17.63
C ASP B 303 -26.59 8.45 -17.34
N TYR B 304 -25.50 9.01 -16.76
CA TYR B 304 -24.25 8.31 -16.46
C TYR B 304 -23.47 7.89 -17.70
N GLN B 305 -23.86 8.32 -18.91
CA GLN B 305 -23.22 7.88 -20.15
C GLN B 305 -22.78 9.06 -21.03
N GLN B 306 -23.64 10.07 -21.21
CA GLN B 306 -23.34 11.17 -22.12
C GLN B 306 -22.43 12.17 -21.39
N GLN B 307 -21.93 13.17 -22.14
CA GLN B 307 -21.22 14.31 -21.57
C GLN B 307 -22.05 14.99 -20.48
N GLY B 308 -21.45 15.19 -19.32
CA GLY B 308 -22.18 15.78 -18.20
C GLY B 308 -22.29 17.29 -18.36
N ILE B 309 -23.07 17.89 -17.47
CA ILE B 309 -23.38 19.30 -17.56
CA ILE B 309 -23.34 19.31 -17.56
C ILE B 309 -23.43 19.90 -16.14
N VAL B 310 -22.74 21.04 -16.00
CA VAL B 310 -22.71 21.85 -14.79
C VAL B 310 -23.58 23.08 -15.01
N TYR B 311 -24.46 23.34 -14.05
CA TYR B 311 -25.29 24.53 -14.02
C TYR B 311 -24.76 25.46 -12.93
N ARG B 312 -24.68 26.78 -13.21
CA ARG B 312 -24.14 27.73 -12.27
C ARG B 312 -25.28 28.65 -11.84
N TYR B 313 -25.47 28.76 -10.51
CA TYR B 313 -26.57 29.53 -9.92
C TYR B 313 -26.08 30.65 -8.99
N SER B 314 -26.89 31.69 -8.90
CA SER B 314 -26.77 32.73 -7.89
C SER B 314 -27.21 32.13 -6.57
N PRO B 315 -26.76 32.70 -5.43
CA PRO B 315 -27.15 32.15 -4.13
C PRO B 315 -28.67 32.13 -3.97
N GLN B 316 -29.37 32.99 -4.75
CA GLN B 316 -30.82 33.11 -4.72
C GLN B 316 -31.48 32.22 -5.78
N GLY B 317 -30.72 31.33 -6.46
CA GLY B 317 -31.31 30.29 -7.29
C GLY B 317 -31.55 30.65 -8.76
N LYS B 318 -31.01 31.80 -9.21
CA LYS B 318 -31.13 32.20 -10.61
C LYS B 318 -29.96 31.67 -11.44
N LEU B 319 -30.27 31.01 -12.57
CA LEU B 319 -29.26 30.42 -13.42
C LEU B 319 -28.37 31.49 -14.07
N ILE B 320 -27.05 31.26 -13.99
CA ILE B 320 -26.05 32.19 -14.50
C ILE B 320 -25.44 31.61 -15.76
N ASP B 321 -25.06 30.32 -15.73
CA ASP B 321 -24.31 29.74 -16.82
C ASP B 321 -24.55 28.25 -16.80
N GLU B 322 -24.26 27.62 -17.94
CA GLU B 322 -24.15 26.18 -18.02
C GLU B 322 -23.08 25.84 -19.06
N PHE B 323 -22.49 24.67 -18.83
CA PHE B 323 -21.32 24.23 -19.58
C PHE B 323 -21.22 22.69 -19.47
N TYR B 324 -20.84 22.07 -20.60
CA TYR B 324 -20.61 20.64 -20.71
C TYR B 324 -19.24 20.36 -20.11
N VAL B 325 -19.17 19.22 -19.41
CA VAL B 325 -17.92 18.72 -18.86
C VAL B 325 -17.66 17.31 -19.41
N GLY B 326 -17.11 16.43 -18.58
CA GLY B 326 -16.77 15.05 -18.91
C GLY B 326 -17.85 14.11 -18.44
N ILE B 327 -17.50 12.84 -18.29
CA ILE B 327 -18.49 11.80 -18.04
C ILE B 327 -18.59 11.62 -16.54
N ILE B 328 -19.82 11.51 -16.03
CA ILE B 328 -20.10 11.50 -14.60
C ILE B 328 -19.21 12.49 -13.82
N PRO B 329 -19.46 13.81 -13.93
CA PRO B 329 -18.78 14.80 -13.08
C PRO B 329 -19.27 14.65 -11.63
N GLY B 330 -18.30 14.43 -10.72
CA GLY B 330 -18.61 14.07 -9.34
C GLY B 330 -18.13 15.09 -8.28
N ALA B 331 -17.14 15.95 -8.62
CA ALA B 331 -16.54 16.78 -7.60
C ALA B 331 -15.85 18.00 -8.23
N PHE B 332 -15.58 18.99 -7.35
CA PHE B 332 -15.17 20.31 -7.76
C PHE B 332 -13.97 20.73 -6.93
N CYS B 333 -13.12 21.59 -7.43
CA CYS B 333 -12.14 22.15 -6.54
C CYS B 333 -11.83 23.58 -6.99
N TRP B 334 -11.96 24.48 -6.02
CA TRP B 334 -11.84 25.93 -6.23
C TRP B 334 -10.38 26.28 -6.24
N LYS B 335 -9.99 27.07 -7.23
CA LYS B 335 -8.70 27.74 -7.26
C LYS B 335 -8.99 29.23 -7.12
N LEU B 336 -8.71 29.80 -5.95
CA LEU B 336 -9.16 31.18 -5.70
C LEU B 336 -7.94 32.07 -5.54
N GLU B 337 -8.00 33.26 -6.13
CA GLU B 337 -6.90 34.20 -6.01
C GLU B 337 -6.85 34.81 -4.59
N HIS B 338 -8.02 35.12 -4.01
CA HIS B 338 -8.20 35.72 -2.69
C HIS B 338 -9.26 34.95 -1.91
N HIS B 339 -9.19 35.00 -0.56
CA HIS B 339 -10.16 34.30 0.28
C HIS B 339 -10.96 35.28 1.17
N HIS B 340 -12.30 35.23 1.01
CA HIS B 340 -13.26 35.93 1.87
C HIS B 340 -13.78 34.97 2.95
N HIS B 341 -12.86 34.13 3.45
CA HIS B 341 -13.07 33.19 4.56
C HIS B 341 -11.85 33.24 5.48
#